data_1AMT
# 
_entry.id   1AMT 
# 
_audit_conform.dict_name       mmcif_pdbx.dic 
_audit_conform.dict_version    5.403 
_audit_conform.dict_location   http://mmcif.pdb.org/dictionaries/ascii/mmcif_pdbx.dic 
# 
loop_
_database_2.database_id 
_database_2.database_code 
_database_2.pdbx_database_accession 
_database_2.pdbx_DOI 
PDB   1AMT         pdb_00001amt 10.2210/pdb1amt/pdb 
WWPDB D_1000171011 ?            ?                   
# 
loop_
_pdbx_audit_revision_history.ordinal 
_pdbx_audit_revision_history.data_content_type 
_pdbx_audit_revision_history.major_revision 
_pdbx_audit_revision_history.minor_revision 
_pdbx_audit_revision_history.revision_date 
_pdbx_audit_revision_history.part_number 
1 'Structure model' 1 0 1988-10-09 ? 
2 'Structure model' 1 1 2011-06-14 ? 
3 'Structure model' 1 2 2011-07-13 ? 
4 'Structure model' 1 3 2011-07-27 ? 
5 'Structure model' 1 4 2012-12-12 ? 
6 'Structure model' 1 5 2017-11-01 ? 
7 'Structure model' 1 6 2025-03-26 ? 
# 
_pdbx_audit_revision_details.ordinal             1 
_pdbx_audit_revision_details.revision_ordinal    1 
_pdbx_audit_revision_details.data_content_type   'Structure model' 
_pdbx_audit_revision_details.provider            repository 
_pdbx_audit_revision_details.type                'Initial release' 
_pdbx_audit_revision_details.description         ? 
_pdbx_audit_revision_details.details             ? 
# 
loop_
_pdbx_audit_revision_group.ordinal 
_pdbx_audit_revision_group.revision_ordinal 
_pdbx_audit_revision_group.data_content_type 
_pdbx_audit_revision_group.group 
1  2 'Structure model' 'Version format compliance' 
2  3 'Structure model' 'Version format compliance' 
3  4 'Structure model' 'Atomic model'              
4  4 'Structure model' 'Database references'       
5  4 'Structure model' 'Derived calculations'      
6  4 'Structure model' 'Non-polymer description'   
7  4 'Structure model' 'Structure summary'         
8  5 'Structure model' Other                       
9  6 'Structure model' 'Derived calculations'      
10 6 'Structure model' Other                       
11 7 'Structure model' 'Data collection'           
12 7 'Structure model' 'Database references'       
13 7 'Structure model' 'Derived calculations'      
14 7 'Structure model' 'Structure summary'         
# 
loop_
_pdbx_audit_revision_category.ordinal 
_pdbx_audit_revision_category.revision_ordinal 
_pdbx_audit_revision_category.data_content_type 
_pdbx_audit_revision_category.category 
1  6 'Structure model' pdbx_database_status      
2  6 'Structure model' pdbx_struct_assembly      
3  7 'Structure model' chem_comp                 
4  7 'Structure model' chem_comp_atom            
5  7 'Structure model' chem_comp_bond            
6  7 'Structure model' database_2                
7  7 'Structure model' pdbx_entry_details        
8  7 'Structure model' pdbx_modification_feature 
9  7 'Structure model' struct_conn               
10 7 'Structure model' struct_site               
# 
loop_
_pdbx_audit_revision_item.ordinal 
_pdbx_audit_revision_item.revision_ordinal 
_pdbx_audit_revision_item.data_content_type 
_pdbx_audit_revision_item.item 
1  6 'Structure model' '_pdbx_database_status.process_site'           
2  6 'Structure model' '_pdbx_struct_assembly.method_details'         
3  7 'Structure model' '_chem_comp.pdbx_synonyms'                     
4  7 'Structure model' '_database_2.pdbx_DOI'                         
5  7 'Structure model' '_database_2.pdbx_database_accession'          
6  7 'Structure model' '_pdbx_entry_details.has_protein_modification' 
7  7 'Structure model' '_struct_conn.pdbx_leaving_atom_flag'          
8  7 'Structure model' '_struct_site.pdbx_auth_asym_id'               
9  7 'Structure model' '_struct_site.pdbx_auth_comp_id'               
10 7 'Structure model' '_struct_site.pdbx_auth_seq_id'                
# 
_pdbx_database_status.status_code                     REL 
_pdbx_database_status.entry_id                        1AMT 
_pdbx_database_status.recvd_initial_deposition_date   1987-12-08 
_pdbx_database_status.deposit_site                    ? 
_pdbx_database_status.process_site                    BNL 
_pdbx_database_status.SG_entry                        . 
_pdbx_database_status.status_code_sf                  ? 
_pdbx_database_status.status_code_mr                  ? 
_pdbx_database_status.pdb_format_compatible           Y 
_pdbx_database_status.status_code_cs                  ? 
_pdbx_database_status.methods_development_category    ? 
_pdbx_database_status.status_code_nmr_data            ? 
# 
loop_
_pdbx_database_related.db_name 
_pdbx_database_related.db_id 
_pdbx_database_related.content_type 
_pdbx_database_related.details 
PDB 1M24 unspecified 'CRYSTAL STRUCTURE OF THE PEPTAIBOL TRICHOTOXIN_A50E'                       
PDB 1R9U unspecified 'SOLUTION STRUCTURE OF THE PEPTAIBOL ZERVAMICIN IIB IN METHANOL'            
PDB 1DLZ unspecified 'SOLUTION STRUCTURE OF THE PEPTIABOL ZERVAMICIN IIB'                        
PDB 1IH9 unspecified 'SOLUTION STRUCTURE OF THE PEPTAIBOL ZERVAMICIN IIB BOUND TO DPC MICELLES'  
PDB 1GQ0 unspecified 'SOLUTION STRUCTURE OF THE PEPTAIBOL ANTIAMOEBIN I'                         
PDB 1JOH unspecified 'CRYSTAL STRUCTURE OF THE PEPTAIBOL ANTIAMOEBIN I'                          
PDB 1EE7 unspecified 'SOLUTION STRUCTURE OF THE PEPTAIBOL CHRYSOSPERMIN C BOUND TO DPC MICELLES' 
PDB 1OB7 unspecified 'CRYSTAL STRUCTURE OF THE PEPTAIBOL CEPHAIBOL C'                            
PDB 1OB6 unspecified 'CRYSTAL STRUCTURE OF THE PEPTAIBOL CEPHAIBOL B'                            
PDB 1OB4 unspecified 'CRYSTAL STRUCTURE OF THE PEPTAIBOL CEPHAIBOL A'                            
# 
loop_
_audit_author.name 
_audit_author.pdbx_ordinal 
'Fox, R.O.'      1 
'Richards, F.M.' 2 
# 
loop_
_citation.id 
_citation.title 
_citation.journal_abbrev 
_citation.journal_volume 
_citation.page_first 
_citation.page_last 
_citation.year 
_citation.journal_id_ASTM 
_citation.country 
_citation.journal_id_ISSN 
_citation.journal_id_CSD 
_citation.book_publisher 
_citation.pdbx_database_id_PubMed 
_citation.pdbx_database_id_DOI 
primary 'A Voltage-Gated Ion Channel Model Inferred from the Crystal Structure of Alamethicin at 1.5-A Resolution.' Nature         
300 325 ? 1982 NATUAS UK 0028-0836     0006 ? 6292726 10.1038/300325A0 
1       'The Crystal Structure of Alamethicin at 1.5 Angstroms Resolution'                                          'Thesis, Yale' 
?   ?   ? ?    ?      ?  0-471-06457-2 0854 ? ?       ?                
# 
loop_
_citation_author.citation_id 
_citation_author.name 
_citation_author.ordinal 
_citation_author.identifier_ORCID 
primary 'Fox Jr, R.O.'   1 ? 
primary 'Richards, F.M.' 2 ? 
1       'Fox, R.O.'      3 ? 
# 
loop_
_entity.id 
_entity.type 
_entity.src_method 
_entity.pdbx_description 
_entity.formula_weight 
_entity.pdbx_number_of_molecules 
_entity.pdbx_ec 
_entity.pdbx_mutation 
_entity.pdbx_fragment 
_entity.details 
1 polymer     syn 'ALAMETHICIN F30' 1948.310 3  ? ? ? ? 
2 non-polymer syn ACETONITRILE      41.052   2  ? ? ? ? 
3 non-polymer syn METHANOL          32.042   13 ? ? ? ? 
# 
_entity_name_com.entity_id   1 
_entity_name_com.name        ALAMETHICIN 
# 
_entity_poly.entity_id                      1 
_entity_poly.type                           'polypeptide(L)' 
_entity_poly.nstd_linkage                   no 
_entity_poly.nstd_monomer                   yes 
_entity_poly.pdbx_seq_one_letter_code       '(ACE)(AIB)P(AIB)A(AIB)AQ(AIB)V(AIB)GL(AIB)PV(AIB)(AIB)EQ(PHL)' 
_entity_poly.pdbx_seq_one_letter_code_can   XAPAAAAQAVAGLAPVAAEQF 
_entity_poly.pdbx_strand_id                 A,B,C 
_entity_poly.pdbx_target_identifier         ? 
# 
loop_
_pdbx_entity_nonpoly.entity_id 
_pdbx_entity_nonpoly.name 
_pdbx_entity_nonpoly.comp_id 
2 ACETONITRILE CCN 
3 METHANOL     MOH 
# 
loop_
_entity_poly_seq.entity_id 
_entity_poly_seq.num 
_entity_poly_seq.mon_id 
_entity_poly_seq.hetero 
1 1  ACE n 
1 2  AIB n 
1 3  PRO n 
1 4  AIB n 
1 5  ALA n 
1 6  AIB n 
1 7  ALA n 
1 8  GLN n 
1 9  AIB n 
1 10 VAL n 
1 11 AIB n 
1 12 GLY n 
1 13 LEU n 
1 14 AIB n 
1 15 PRO n 
1 16 VAL n 
1 17 AIB n 
1 18 AIB n 
1 19 GLU n 
1 20 GLN n 
1 21 PHL n 
# 
_pdbx_entity_src_syn.entity_id              1 
_pdbx_entity_src_syn.pdbx_src_id            1 
_pdbx_entity_src_syn.pdbx_alt_source_flag   sample 
_pdbx_entity_src_syn.pdbx_beg_seq_num       ? 
_pdbx_entity_src_syn.pdbx_end_seq_num       ? 
_pdbx_entity_src_syn.organism_scientific    'TRICHODERMA VIRIDE' 
_pdbx_entity_src_syn.organism_common_name   ? 
_pdbx_entity_src_syn.ncbi_taxonomy_id       5547 
_pdbx_entity_src_syn.details                ? 
# 
loop_
_chem_comp.id 
_chem_comp.type 
_chem_comp.mon_nstd_flag 
_chem_comp.name 
_chem_comp.pdbx_synonyms 
_chem_comp.formula 
_chem_comp.formula_weight 
ACE non-polymer         . 'ACETYL GROUP'               ?                              'C2 H4 O'      44.053  
AIB 'L-peptide linking' n 'ALPHA-AMINOISOBUTYRIC ACID' ?                              'C4 H9 N O2'   103.120 
ALA 'L-peptide linking' y ALANINE                      ?                              'C3 H7 N O2'   89.093  
CCN non-polymer         . ACETONITRILE                 ?                              'C2 H3 N'      41.052  
GLN 'L-peptide linking' y GLUTAMINE                    ?                              'C5 H10 N2 O3' 146.144 
GLU 'L-peptide linking' y 'GLUTAMIC ACID'              ?                              'C5 H9 N O4'   147.129 
GLY 'peptide linking'   y GLYCINE                      ?                              'C2 H5 N O2'   75.067  
LEU 'L-peptide linking' y LEUCINE                      ?                              'C6 H13 N O2'  131.173 
MOH non-polymer         . METHANOL                     ?                              'C H4 O'       32.042  
PHL 'L-peptide linking' n L-PHENYLALANINOL             'bound form of Phenylalaninal' 'C9 H13 N O'   151.206 
PRO 'L-peptide linking' y PROLINE                      ?                              'C5 H9 N O2'   115.130 
VAL 'L-peptide linking' y VALINE                       ?                              'C5 H11 N O2'  117.146 
# 
loop_
_pdbx_poly_seq_scheme.asym_id 
_pdbx_poly_seq_scheme.entity_id 
_pdbx_poly_seq_scheme.seq_id 
_pdbx_poly_seq_scheme.mon_id 
_pdbx_poly_seq_scheme.ndb_seq_num 
_pdbx_poly_seq_scheme.pdb_seq_num 
_pdbx_poly_seq_scheme.auth_seq_num 
_pdbx_poly_seq_scheme.pdb_mon_id 
_pdbx_poly_seq_scheme.auth_mon_id 
_pdbx_poly_seq_scheme.pdb_strand_id 
_pdbx_poly_seq_scheme.pdb_ins_code 
_pdbx_poly_seq_scheme.hetero 
A 1 1  ACE 1  0  0  ACE ACE A . n 
A 1 2  AIB 2  1  1  AIB AIB A . n 
A 1 3  PRO 3  2  2  PRO PRO A . n 
A 1 4  AIB 4  3  3  AIB AIB A . n 
A 1 5  ALA 5  4  4  ALA ALA A . n 
A 1 6  AIB 6  5  5  AIB AIB A . n 
A 1 7  ALA 7  6  6  ALA ALA A . n 
A 1 8  GLN 8  7  7  GLN GLN A . n 
A 1 9  AIB 9  8  8  AIB AIB A . n 
A 1 10 VAL 10 9  9  VAL VAL A . n 
A 1 11 AIB 11 10 10 AIB AIB A . n 
A 1 12 GLY 12 11 11 GLY GLY A . n 
A 1 13 LEU 13 12 12 LEU LEU A . n 
A 1 14 AIB 14 13 13 AIB AIB A . n 
A 1 15 PRO 15 14 14 PRO PRO A . n 
A 1 16 VAL 16 15 15 VAL VAL A . n 
A 1 17 AIB 17 16 16 AIB AIB A . n 
A 1 18 AIB 18 17 17 AIB AIB A . n 
A 1 19 GLU 19 18 18 GLU GLU A . n 
A 1 20 GLN 20 19 19 GLN GLN A . n 
A 1 21 PHL 21 20 20 PHL PHL A . n 
B 1 1  ACE 1  0  0  ACE ACE B . n 
B 1 2  AIB 2  1  1  AIB AIB B . n 
B 1 3  PRO 3  2  2  PRO PRO B . n 
B 1 4  AIB 4  3  3  AIB AIB B . n 
B 1 5  ALA 5  4  4  ALA ALA B . n 
B 1 6  AIB 6  5  5  AIB AIB B . n 
B 1 7  ALA 7  6  6  ALA ALA B . n 
B 1 8  GLN 8  7  7  GLN GLN B . n 
B 1 9  AIB 9  8  8  AIB AIB B . n 
B 1 10 VAL 10 9  9  VAL VAL B . n 
B 1 11 AIB 11 10 10 AIB AIB B . n 
B 1 12 GLY 12 11 11 GLY GLY B . n 
B 1 13 LEU 13 12 12 LEU LEU B . n 
B 1 14 AIB 14 13 13 AIB AIB B . n 
B 1 15 PRO 15 14 14 PRO PRO B . n 
B 1 16 VAL 16 15 15 VAL VAL B . n 
B 1 17 AIB 17 16 16 AIB AIB B . n 
B 1 18 AIB 18 17 17 AIB AIB B . n 
B 1 19 GLU 19 18 18 GLU GLU B . n 
B 1 20 GLN 20 19 19 GLN GLN B . n 
B 1 21 PHL 21 20 20 PHL PHL B . n 
C 1 1  ACE 1  0  0  ACE ACE C . n 
C 1 2  AIB 2  1  1  AIB AIB C . n 
C 1 3  PRO 3  2  2  PRO PRO C . n 
C 1 4  AIB 4  3  3  AIB AIB C . n 
C 1 5  ALA 5  4  4  ALA ALA C . n 
C 1 6  AIB 6  5  5  AIB AIB C . n 
C 1 7  ALA 7  6  6  ALA ALA C . n 
C 1 8  GLN 8  7  7  GLN GLN C . n 
C 1 9  AIB 9  8  8  AIB AIB C . n 
C 1 10 VAL 10 9  9  VAL VAL C . n 
C 1 11 AIB 11 10 10 AIB AIB C . n 
C 1 12 GLY 12 11 11 GLY GLY C . n 
C 1 13 LEU 13 12 12 LEU LEU C . n 
C 1 14 AIB 14 13 13 AIB AIB C . n 
C 1 15 PRO 15 14 14 PRO PRO C . n 
C 1 16 VAL 16 15 15 VAL VAL C . n 
C 1 17 AIB 17 16 16 AIB AIB C . n 
C 1 18 AIB 18 17 17 AIB AIB C . n 
C 1 19 GLU 19 18 18 GLU GLU C . n 
C 1 20 GLN 20 19 19 GLN GLN C . n 
C 1 21 PHL 21 20 20 PHL PHL C . n 
# 
loop_
_pdbx_nonpoly_scheme.asym_id 
_pdbx_nonpoly_scheme.entity_id 
_pdbx_nonpoly_scheme.mon_id 
_pdbx_nonpoly_scheme.ndb_seq_num 
_pdbx_nonpoly_scheme.pdb_seq_num 
_pdbx_nonpoly_scheme.auth_seq_num 
_pdbx_nonpoly_scheme.pdb_mon_id 
_pdbx_nonpoly_scheme.auth_mon_id 
_pdbx_nonpoly_scheme.pdb_strand_id 
_pdbx_nonpoly_scheme.pdb_ins_code 
D 2 CCN 1 22 22 CCN CCN A . 
E 3 MOH 1 23 23 MOH MOH A . 
F 2 CCN 1 22 22 CCN CCN B . 
G 3 MOH 1 23 23 MOH MOH B . 
H 3 MOH 1 24 24 MOH MOH B . 
I 3 MOH 1 25 25 MOH MOH B . 
J 3 MOH 1 26 26 MOH MOH B . 
K 3 MOH 1 27 27 MOH MOH B . 
L 3 MOH 1 28 28 MOH MOH B . 
M 3 MOH 1 29 29 MOH MOH B . 
N 3 MOH 1 30 30 MOH MOH B . 
O 3 MOH 1 22 22 MOH MOH C . 
P 3 MOH 1 23 23 MOH MOH C . 
Q 3 MOH 1 24 24 MOH MOH C . 
R 3 MOH 1 25 25 MOH MOH C . 
# 
_software.name             PROLSQ 
_software.classification   refinement 
_software.version          . 
_software.citation_id      ? 
_software.pdbx_ordinal     1 
# 
_cell.entry_id           1AMT 
_cell.length_a           33.330 
_cell.length_b           29.620 
_cell.length_c           23.200 
_cell.angle_alpha        90.00 
_cell.angle_beta         120.40 
_cell.angle_gamma        90.00 
_cell.Z_PDB              6 
_cell.pdbx_unique_axis   ? 
# 
_symmetry.entry_id                         1AMT 
_symmetry.space_group_name_H-M             'P 1 21 1' 
_symmetry.pdbx_full_space_group_name_H-M   ? 
_symmetry.cell_setting                     ? 
_symmetry.Int_Tables_number                4 
# 
_exptl.entry_id          1AMT 
_exptl.method            'X-RAY DIFFRACTION' 
_exptl.crystals_number   ? 
# 
_exptl_crystal.id                    1 
_exptl_crystal.density_meas          ? 
_exptl_crystal.density_Matthews      1.71 
_exptl_crystal.density_percent_sol   28.20 
_exptl_crystal.description           ? 
# 
_diffrn.id                     1 
_diffrn.ambient_temp           ? 
_diffrn.ambient_temp_details   ? 
_diffrn.crystal_id             1 
# 
_diffrn_radiation.diffrn_id                        1 
_diffrn_radiation.wavelength_id                    1 
_diffrn_radiation.pdbx_monochromatic_or_laue_m_l   M 
_diffrn_radiation.monochromator                    ? 
_diffrn_radiation.pdbx_diffrn_protocol             'SINGLE WAVELENGTH' 
_diffrn_radiation.pdbx_scattering_type             x-ray 
# 
_diffrn_radiation_wavelength.id           1 
_diffrn_radiation_wavelength.wavelength   . 
_diffrn_radiation_wavelength.wt           1.0 
# 
_refine.pdbx_refine_id                           'X-RAY DIFFRACTION' 
_refine.entry_id                                 1AMT 
_refine.pdbx_diffrn_id                           1 
_refine.pdbx_TLS_residual_ADP_flag               ? 
_refine.ls_number_reflns_obs                     5458 
_refine.ls_number_reflns_all                     ? 
_refine.pdbx_ls_sigma_I                          ? 
_refine.pdbx_ls_sigma_F                          ? 
_refine.pdbx_data_cutoff_high_absF               ? 
_refine.pdbx_data_cutoff_low_absF                ? 
_refine.pdbx_data_cutoff_high_rms_absF           ? 
_refine.ls_d_res_low                             10.00 
_refine.ls_d_res_high                            1.50 
_refine.ls_percent_reflns_obs                    ? 
_refine.ls_R_factor_obs                          0.155 
_refine.ls_R_factor_all                          ? 
_refine.ls_R_factor_R_work                       ? 
_refine.ls_R_factor_R_free                       ? 
_refine.ls_R_factor_R_free_error                 ? 
_refine.ls_R_factor_R_free_error_details         ? 
_refine.ls_percent_reflns_R_free                 ? 
_refine.ls_number_reflns_R_free                  ? 
_refine.ls_number_parameters                     ? 
_refine.ls_number_restraints                     ? 
_refine.occupancy_min                            ? 
_refine.occupancy_max                            ? 
_refine.correlation_coeff_Fo_to_Fc               ? 
_refine.correlation_coeff_Fo_to_Fc_free          ? 
_refine.B_iso_mean                               ? 
_refine.aniso_B[1][1]                            ? 
_refine.aniso_B[2][2]                            ? 
_refine.aniso_B[3][3]                            ? 
_refine.aniso_B[1][2]                            ? 
_refine.aniso_B[1][3]                            ? 
_refine.aniso_B[2][3]                            ? 
_refine.solvent_model_details                    ? 
_refine.solvent_model_param_ksol                 ? 
_refine.solvent_model_param_bsol                 ? 
_refine.pdbx_solvent_vdw_probe_radii             ? 
_refine.pdbx_solvent_ion_probe_radii             ? 
_refine.pdbx_solvent_shrinkage_radii             ? 
_refine.pdbx_ls_cross_valid_method               ? 
_refine.details                                  ? 
_refine.pdbx_starting_model                      ? 
_refine.pdbx_method_to_determine_struct          ? 
_refine.pdbx_isotropic_thermal_model             ? 
_refine.pdbx_stereochemistry_target_values       ? 
_refine.pdbx_stereochem_target_val_spec_case     ? 
_refine.pdbx_R_Free_selection_details            ? 
_refine.pdbx_overall_ESU_R                       ? 
_refine.pdbx_overall_ESU_R_Free                  ? 
_refine.overall_SU_ML                            ? 
_refine.pdbx_overall_phase_error                 ? 
_refine.overall_SU_B                             ? 
_refine.overall_SU_R_Cruickshank_DPI             ? 
_refine.pdbx_overall_SU_R_free_Cruickshank_DPI   ? 
_refine.pdbx_overall_SU_R_Blow_DPI               ? 
_refine.pdbx_overall_SU_R_free_Blow_DPI          ? 
# 
_refine_hist.pdbx_refine_id                   'X-RAY DIFFRACTION' 
_refine_hist.cycle_id                         LAST 
_refine_hist.pdbx_number_atoms_protein        417 
_refine_hist.pdbx_number_atoms_nucleic_acid   0 
_refine_hist.pdbx_number_atoms_ligand         32 
_refine_hist.number_atoms_solvent             0 
_refine_hist.number_atoms_total               449 
_refine_hist.d_res_high                       1.50 
_refine_hist.d_res_low                        10.00 
# 
loop_
_refine_ls_restr.type 
_refine_ls_restr.dev_ideal 
_refine_ls_restr.dev_ideal_target 
_refine_ls_restr.weight 
_refine_ls_restr.number 
_refine_ls_restr.pdbx_refine_id 
_refine_ls_restr.pdbx_restraint_function 
p_bond_d            0.040 ? ? ? 'X-RAY DIFFRACTION' ? 
p_angle_d           ?     ? ? ? 'X-RAY DIFFRACTION' ? 
p_angle_deg         ?     ? ? ? 'X-RAY DIFFRACTION' ? 
p_planar_d          ?     ? ? ? 'X-RAY DIFFRACTION' ? 
p_hb_or_metal_coord ?     ? ? ? 'X-RAY DIFFRACTION' ? 
p_mcbond_it         ?     ? ? ? 'X-RAY DIFFRACTION' ? 
p_mcangle_it        ?     ? ? ? 'X-RAY DIFFRACTION' ? 
p_scbond_it         ?     ? ? ? 'X-RAY DIFFRACTION' ? 
p_scangle_it        ?     ? ? ? 'X-RAY DIFFRACTION' ? 
p_plane_restr       ?     ? ? ? 'X-RAY DIFFRACTION' ? 
p_chiral_restr      ?     ? ? ? 'X-RAY DIFFRACTION' ? 
p_singtor_nbd       ?     ? ? ? 'X-RAY DIFFRACTION' ? 
p_multtor_nbd       ?     ? ? ? 'X-RAY DIFFRACTION' ? 
p_xhyhbond_nbd      ?     ? ? ? 'X-RAY DIFFRACTION' ? 
p_xyhbond_nbd       ?     ? ? ? 'X-RAY DIFFRACTION' ? 
p_planar_tor        ?     ? ? ? 'X-RAY DIFFRACTION' ? 
p_staggered_tor     ?     ? ? ? 'X-RAY DIFFRACTION' ? 
p_orthonormal_tor   ?     ? ? ? 'X-RAY DIFFRACTION' ? 
p_transverse_tor    ?     ? ? ? 'X-RAY DIFFRACTION' ? 
p_special_tor       ?     ? ? ? 'X-RAY DIFFRACTION' ? 
# 
_struct.entry_id                  1AMT 
_struct.title                     'Crystal structure of alamethicin at 1.5 angstrom resolution' 
_struct.pdbx_model_details        ? 
_struct.pdbx_CASP_flag            ? 
_struct.pdbx_model_type_details   ? 
# 
_struct_keywords.entry_id        1AMT 
_struct_keywords.pdbx_keywords   ANTIBIOTIC 
_struct_keywords.text            'ALAMETHICIN, PEPTAIBOL, ANTIBACTERIAL, ANTIFUNGAL, ANTIBIOTIC' 
# 
loop_
_struct_asym.id 
_struct_asym.pdbx_blank_PDB_chainid_flag 
_struct_asym.pdbx_modified 
_struct_asym.entity_id 
_struct_asym.details 
A N N 1 ? 
B N N 1 ? 
C N N 1 ? 
D N N 2 ? 
E N N 3 ? 
F N N 2 ? 
G N N 3 ? 
H N N 3 ? 
I N N 3 ? 
J N N 3 ? 
K N N 3 ? 
L N N 3 ? 
M N N 3 ? 
N N N 3 ? 
O N N 3 ? 
P N N 3 ? 
Q N N 3 ? 
R N N 3 ? 
# 
_struct_ref.id                         1 
_struct_ref.db_name                    NOR 
_struct_ref.db_code                    NOR00010 
_struct_ref.entity_id                  1 
_struct_ref.pdbx_seq_one_letter_code   ? 
_struct_ref.pdbx_align_begin           ? 
_struct_ref.pdbx_db_accession          NOR00010 
_struct_ref.pdbx_db_isoform            ? 
# 
loop_
_struct_ref_seq.align_id 
_struct_ref_seq.ref_id 
_struct_ref_seq.pdbx_PDB_id_code 
_struct_ref_seq.pdbx_strand_id 
_struct_ref_seq.seq_align_beg 
_struct_ref_seq.pdbx_seq_align_beg_ins_code 
_struct_ref_seq.seq_align_end 
_struct_ref_seq.pdbx_seq_align_end_ins_code 
_struct_ref_seq.pdbx_db_accession 
_struct_ref_seq.db_align_beg 
_struct_ref_seq.pdbx_db_align_beg_ins_code 
_struct_ref_seq.db_align_end 
_struct_ref_seq.pdbx_db_align_end_ins_code 
_struct_ref_seq.pdbx_auth_seq_align_beg 
_struct_ref_seq.pdbx_auth_seq_align_end 
1 1 1AMT A 1 ? 21 ? NOR00010 0 ? 20 ? 0 20 
2 1 1AMT B 1 ? 21 ? NOR00010 0 ? 20 ? 0 20 
3 1 1AMT C 1 ? 21 ? NOR00010 0 ? 20 ? 0 20 
# 
_pdbx_struct_assembly.id                   1 
_pdbx_struct_assembly.details              software_defined_assembly 
_pdbx_struct_assembly.method_details       PISA 
_pdbx_struct_assembly.oligomeric_details   trimeric 
_pdbx_struct_assembly.oligomeric_count     3 
# 
loop_
_pdbx_struct_assembly_prop.biol_id 
_pdbx_struct_assembly_prop.type 
_pdbx_struct_assembly_prop.value 
_pdbx_struct_assembly_prop.details 
1 'ABSA (A^2)' 2950 ? 
1 MORE         -22  ? 
1 'SSA (A^2)'  5440 ? 
# 
_pdbx_struct_assembly_gen.assembly_id       1 
_pdbx_struct_assembly_gen.oper_expression   1 
_pdbx_struct_assembly_gen.asym_id_list      A,B,C,D,E,F,G,H,I,J,K,L,M,N,O,P,Q,R 
# 
_pdbx_struct_oper_list.id                   1 
_pdbx_struct_oper_list.type                 'identity operation' 
_pdbx_struct_oper_list.name                 1_555 
_pdbx_struct_oper_list.symmetry_operation   x,y,z 
_pdbx_struct_oper_list.matrix[1][1]         1.0000000000 
_pdbx_struct_oper_list.matrix[1][2]         0.0000000000 
_pdbx_struct_oper_list.matrix[1][3]         0.0000000000 
_pdbx_struct_oper_list.vector[1]            0.0000000000 
_pdbx_struct_oper_list.matrix[2][1]         0.0000000000 
_pdbx_struct_oper_list.matrix[2][2]         1.0000000000 
_pdbx_struct_oper_list.matrix[2][3]         0.0000000000 
_pdbx_struct_oper_list.vector[2]            0.0000000000 
_pdbx_struct_oper_list.matrix[3][1]         0.0000000000 
_pdbx_struct_oper_list.matrix[3][2]         0.0000000000 
_pdbx_struct_oper_list.matrix[3][3]         1.0000000000 
_pdbx_struct_oper_list.vector[3]            0.0000000000 
# 
_struct_biol.id   1 
# 
loop_
_struct_conf.conf_type_id 
_struct_conf.id 
_struct_conf.pdbx_PDB_helix_id 
_struct_conf.beg_label_comp_id 
_struct_conf.beg_label_asym_id 
_struct_conf.beg_label_seq_id 
_struct_conf.pdbx_beg_PDB_ins_code 
_struct_conf.end_label_comp_id 
_struct_conf.end_label_asym_id 
_struct_conf.end_label_seq_id 
_struct_conf.pdbx_end_PDB_ins_code 
_struct_conf.beg_auth_comp_id 
_struct_conf.beg_auth_asym_id 
_struct_conf.beg_auth_seq_id 
_struct_conf.end_auth_comp_id 
_struct_conf.end_auth_asym_id 
_struct_conf.end_auth_seq_id 
_struct_conf.pdbx_PDB_helix_class 
_struct_conf.details 
_struct_conf.pdbx_PDB_helix_length 
HELX_P HELX_P1 1 AIB A 2  ? GLU A 19 ? AIB A 1  GLU A 18 1 ? 18 
HELX_P HELX_P2 2 AIB B 2  ? PHL B 21 ? AIB B 1  PHL B 20 1 ? 20 
HELX_P HELX_P3 3 AIB C 2  ? LEU C 13 ? AIB C 1  LEU C 12 1 ? 12 
HELX_P HELX_P4 4 LEU C 13 ? PHL C 21 ? LEU C 12 PHL C 20 1 ? 9  
# 
_struct_conf_type.id          HELX_P 
_struct_conf_type.criteria    ? 
_struct_conf_type.reference   ? 
# 
loop_
_struct_conn.id 
_struct_conn.conn_type_id 
_struct_conn.pdbx_leaving_atom_flag 
_struct_conn.pdbx_PDB_id 
_struct_conn.ptnr1_label_asym_id 
_struct_conn.ptnr1_label_comp_id 
_struct_conn.ptnr1_label_seq_id 
_struct_conn.ptnr1_label_atom_id 
_struct_conn.pdbx_ptnr1_label_alt_id 
_struct_conn.pdbx_ptnr1_PDB_ins_code 
_struct_conn.pdbx_ptnr1_standard_comp_id 
_struct_conn.ptnr1_symmetry 
_struct_conn.ptnr2_label_asym_id 
_struct_conn.ptnr2_label_comp_id 
_struct_conn.ptnr2_label_seq_id 
_struct_conn.ptnr2_label_atom_id 
_struct_conn.pdbx_ptnr2_label_alt_id 
_struct_conn.pdbx_ptnr2_PDB_ins_code 
_struct_conn.ptnr1_auth_asym_id 
_struct_conn.ptnr1_auth_comp_id 
_struct_conn.ptnr1_auth_seq_id 
_struct_conn.ptnr2_auth_asym_id 
_struct_conn.ptnr2_auth_comp_id 
_struct_conn.ptnr2_auth_seq_id 
_struct_conn.ptnr2_symmetry 
_struct_conn.pdbx_ptnr3_label_atom_id 
_struct_conn.pdbx_ptnr3_label_seq_id 
_struct_conn.pdbx_ptnr3_label_comp_id 
_struct_conn.pdbx_ptnr3_label_asym_id 
_struct_conn.pdbx_ptnr3_label_alt_id 
_struct_conn.pdbx_ptnr3_PDB_ins_code 
_struct_conn.details 
_struct_conn.pdbx_dist_value 
_struct_conn.pdbx_value_order 
_struct_conn.pdbx_role 
covale1  covale both ? A ACE 1  C ? ? ? 1_555 A AIB 2  N ? ? A ACE 0  A AIB 1  1_555 ? ? ? ? ? ? ? 1.143 ? ? 
covale2  covale both ? A AIB 2  C ? ? ? 1_555 A PRO 3  N ? ? A AIB 1  A PRO 2  1_555 ? ? ? ? ? ? ? 1.252 ? ? 
covale3  covale both ? A PRO 3  C ? ? ? 1_555 A AIB 4  N ? ? A PRO 2  A AIB 3  1_555 ? ? ? ? ? ? ? 1.284 ? ? 
covale4  covale both ? A AIB 4  C ? ? ? 1_555 A ALA 5  N ? ? A AIB 3  A ALA 4  1_555 ? ? ? ? ? ? ? 1.174 ? ? 
covale5  covale both ? A ALA 5  C ? ? ? 1_555 A AIB 6  N ? ? A ALA 4  A AIB 5  1_555 ? ? ? ? ? ? ? 1.235 ? ? 
covale6  covale both ? A AIB 6  C ? ? ? 1_555 A ALA 7  N ? ? A AIB 5  A ALA 6  1_555 ? ? ? ? ? ? ? 1.277 ? ? 
covale7  covale both ? A GLN 8  C ? ? ? 1_555 A AIB 9  N ? ? A GLN 7  A AIB 8  1_555 ? ? ? ? ? ? ? 1.249 ? ? 
covale8  covale both ? A AIB 9  C ? ? ? 1_555 A VAL 10 N ? ? A AIB 8  A VAL 9  1_555 ? ? ? ? ? ? ? 1.264 ? ? 
covale9  covale both ? A VAL 10 C ? ? ? 1_555 A AIB 11 N ? ? A VAL 9  A AIB 10 1_555 ? ? ? ? ? ? ? 1.414 ? ? 
covale10 covale both ? A AIB 11 C ? ? ? 1_555 A GLY 12 N ? ? A AIB 10 A GLY 11 1_555 ? ? ? ? ? ? ? 1.314 ? ? 
covale11 covale both ? A LEU 13 C ? ? ? 1_555 A AIB 14 N ? ? A LEU 12 A AIB 13 1_555 ? ? ? ? ? ? ? 1.334 ? ? 
covale12 covale both ? A AIB 14 C ? ? ? 1_555 A PRO 15 N ? ? A AIB 13 A PRO 14 1_555 ? ? ? ? ? ? ? 1.324 ? ? 
covale13 covale both ? A VAL 16 C ? ? ? 1_555 A AIB 17 N ? ? A VAL 15 A AIB 16 1_555 ? ? ? ? ? ? ? 1.320 ? ? 
covale14 covale both ? A AIB 17 C ? ? ? 1_555 A AIB 18 N ? ? A AIB 16 A AIB 17 1_555 ? ? ? ? ? ? ? 1.335 ? ? 
covale15 covale both ? A AIB 18 C ? ? ? 1_555 A GLU 19 N ? ? A AIB 17 A GLU 18 1_555 ? ? ? ? ? ? ? 1.355 ? ? 
covale16 covale both ? A GLN 20 C ? ? ? 1_555 A PHL 21 N ? ? A GLN 19 A PHL 20 1_555 ? ? ? ? ? ? ? 1.321 ? ? 
covale17 covale both ? B ACE 1  C ? ? ? 1_555 B AIB 2  N ? ? B ACE 0  B AIB 1  1_555 ? ? ? ? ? ? ? 1.254 ? ? 
covale18 covale both ? B AIB 2  C ? ? ? 1_555 B PRO 3  N ? ? B AIB 1  B PRO 2  1_555 ? ? ? ? ? ? ? 1.319 ? ? 
covale19 covale both ? B PRO 3  C ? ? ? 1_555 B AIB 4  N ? ? B PRO 2  B AIB 3  1_555 ? ? ? ? ? ? ? 1.233 ? ? 
covale20 covale both ? B AIB 4  C ? ? ? 1_555 B ALA 5  N ? ? B AIB 3  B ALA 4  1_555 ? ? ? ? ? ? ? 1.284 ? ? 
covale21 covale both ? B ALA 5  C ? ? ? 1_555 B AIB 6  N ? ? B ALA 4  B AIB 5  1_555 ? ? ? ? ? ? ? 1.286 ? ? 
covale22 covale both ? B AIB 6  C ? ? ? 1_555 B ALA 7  N ? ? B AIB 5  B ALA 6  1_555 ? ? ? ? ? ? ? 1.339 ? ? 
covale23 covale both ? B GLN 8  C ? ? ? 1_555 B AIB 9  N ? ? B GLN 7  B AIB 8  1_555 ? ? ? ? ? ? ? 1.335 ? ? 
covale24 covale both ? B AIB 9  C ? ? ? 1_555 B VAL 10 N ? ? B AIB 8  B VAL 9  1_555 ? ? ? ? ? ? ? 1.265 ? ? 
covale25 covale both ? B VAL 10 C ? ? ? 1_555 B AIB 11 N ? ? B VAL 9  B AIB 10 1_555 ? ? ? ? ? ? ? 1.329 ? ? 
covale26 covale both ? B AIB 11 C ? ? ? 1_555 B GLY 12 N ? ? B AIB 10 B GLY 11 1_555 ? ? ? ? ? ? ? 1.210 ? ? 
covale27 covale both ? B LEU 13 C ? ? ? 1_555 B AIB 14 N ? ? B LEU 12 B AIB 13 1_555 ? ? ? ? ? ? ? 1.282 ? ? 
covale28 covale both ? B AIB 14 C ? ? ? 1_555 B PRO 15 N ? ? B AIB 13 B PRO 14 1_555 ? ? ? ? ? ? ? 1.220 ? ? 
covale29 covale both ? B VAL 16 C ? ? ? 1_555 B AIB 17 N ? ? B VAL 15 B AIB 16 1_555 ? ? ? ? ? ? ? 1.236 ? ? 
covale30 covale both ? B AIB 17 C ? ? ? 1_555 B AIB 18 N ? ? B AIB 16 B AIB 17 1_555 ? ? ? ? ? ? ? 1.288 ? ? 
covale31 covale both ? B AIB 18 C ? ? ? 1_555 B GLU 19 N ? ? B AIB 17 B GLU 18 1_555 ? ? ? ? ? ? ? 1.308 ? ? 
covale32 covale both ? B GLN 20 C ? ? ? 1_555 B PHL 21 N ? ? B GLN 19 B PHL 20 1_555 ? ? ? ? ? ? ? 1.365 ? ? 
covale33 covale both ? C ACE 1  C ? ? ? 1_555 C AIB 2  N ? ? C ACE 0  C AIB 1  1_555 ? ? ? ? ? ? ? 1.249 ? ? 
covale34 covale both ? C AIB 2  C ? ? ? 1_555 C PRO 3  N ? ? C AIB 1  C PRO 2  1_555 ? ? ? ? ? ? ? 1.302 ? ? 
covale35 covale both ? C PRO 3  C ? ? ? 1_555 C AIB 4  N ? ? C PRO 2  C AIB 3  1_555 ? ? ? ? ? ? ? 1.198 ? ? 
covale36 covale both ? C AIB 4  C ? ? ? 1_555 C ALA 5  N ? ? C AIB 3  C ALA 4  1_555 ? ? ? ? ? ? ? 1.240 ? ? 
covale37 covale both ? C ALA 5  C ? ? ? 1_555 C AIB 6  N ? ? C ALA 4  C AIB 5  1_555 ? ? ? ? ? ? ? 1.304 ? ? 
covale38 covale both ? C AIB 6  C ? ? ? 1_555 C ALA 7  N ? ? C AIB 5  C ALA 6  1_555 ? ? ? ? ? ? ? 1.194 ? ? 
covale39 covale both ? C GLN 8  C ? ? ? 1_555 C AIB 9  N ? ? C GLN 7  C AIB 8  1_555 ? ? ? ? ? ? ? 1.331 ? ? 
covale40 covale both ? C AIB 9  C ? ? ? 1_555 C VAL 10 N ? ? C AIB 8  C VAL 9  1_555 ? ? ? ? ? ? ? 1.243 ? ? 
covale41 covale both ? C VAL 10 C ? ? ? 1_555 C AIB 11 N ? ? C VAL 9  C AIB 10 1_555 ? ? ? ? ? ? ? 1.257 ? ? 
covale42 covale both ? C AIB 11 C ? ? ? 1_555 C GLY 12 N ? ? C AIB 10 C GLY 11 1_555 ? ? ? ? ? ? ? 1.366 ? ? 
covale43 covale both ? C LEU 13 C ? ? ? 1_555 C AIB 14 N ? ? C LEU 12 C AIB 13 1_555 ? ? ? ? ? ? ? 1.313 ? ? 
covale44 covale both ? C AIB 14 C ? ? ? 1_555 C PRO 15 N ? ? C AIB 13 C PRO 14 1_555 ? ? ? ? ? ? ? 1.257 ? ? 
covale45 covale both ? C VAL 16 C ? ? ? 1_555 C AIB 17 N ? ? C VAL 15 C AIB 16 1_555 ? ? ? ? ? ? ? 1.382 ? ? 
covale46 covale both ? C AIB 17 C ? ? ? 1_555 C AIB 18 N ? ? C AIB 16 C AIB 17 1_555 ? ? ? ? ? ? ? 1.290 ? ? 
covale47 covale both ? C AIB 18 C ? ? ? 1_555 C GLU 19 N ? ? C AIB 17 C GLU 18 1_555 ? ? ? ? ? ? ? 1.250 ? ? 
covale48 covale both ? C GLN 20 C ? ? ? 1_555 C PHL 21 N ? ? C GLN 19 C PHL 20 1_555 ? ? ? ? ? ? ? 1.321 ? ? 
# 
_struct_conn_type.id          covale 
_struct_conn_type.criteria    ? 
_struct_conn_type.reference   ? 
# 
loop_
_pdbx_modification_feature.ordinal 
_pdbx_modification_feature.label_comp_id 
_pdbx_modification_feature.label_asym_id 
_pdbx_modification_feature.label_seq_id 
_pdbx_modification_feature.label_alt_id 
_pdbx_modification_feature.modified_residue_label_comp_id 
_pdbx_modification_feature.modified_residue_label_asym_id 
_pdbx_modification_feature.modified_residue_label_seq_id 
_pdbx_modification_feature.modified_residue_label_alt_id 
_pdbx_modification_feature.auth_comp_id 
_pdbx_modification_feature.auth_asym_id 
_pdbx_modification_feature.auth_seq_id 
_pdbx_modification_feature.PDB_ins_code 
_pdbx_modification_feature.symmetry 
_pdbx_modification_feature.modified_residue_auth_comp_id 
_pdbx_modification_feature.modified_residue_auth_asym_id 
_pdbx_modification_feature.modified_residue_auth_seq_id 
_pdbx_modification_feature.modified_residue_PDB_ins_code 
_pdbx_modification_feature.modified_residue_symmetry 
_pdbx_modification_feature.comp_id_linking_atom 
_pdbx_modification_feature.modified_residue_id_linking_atom 
_pdbx_modification_feature.modified_residue_id 
_pdbx_modification_feature.ref_pcm_id 
_pdbx_modification_feature.ref_comp_id 
_pdbx_modification_feature.type 
_pdbx_modification_feature.category 
1  AIB A 2  ? .   . . . AIB A 1  ? 1_555 .   . . . .     . . ALA 1  AIB Methylation 'Named protein modification' 
2  AIB A 4  ? .   . . . AIB A 3  ? 1_555 .   . . . .     . . ALA 1  AIB Methylation 'Named protein modification' 
3  AIB A 6  ? .   . . . AIB A 5  ? 1_555 .   . . . .     . . ALA 1  AIB Methylation 'Named protein modification' 
4  AIB A 9  ? .   . . . AIB A 8  ? 1_555 .   . . . .     . . ALA 1  AIB Methylation 'Named protein modification' 
5  AIB A 11 ? .   . . . AIB A 10 ? 1_555 .   . . . .     . . ALA 1  AIB Methylation 'Named protein modification' 
6  AIB A 14 ? .   . . . AIB A 13 ? 1_555 .   . . . .     . . ALA 1  AIB Methylation 'Named protein modification' 
7  AIB A 17 ? .   . . . AIB A 16 ? 1_555 .   . . . .     . . ALA 1  AIB Methylation 'Named protein modification' 
8  AIB A 18 ? .   . . . AIB A 17 ? 1_555 .   . . . .     . . ALA 1  AIB Methylation 'Named protein modification' 
9  PHL A 21 ? .   . . . PHL A 20 ? 1_555 .   . . . .     . . PHE 1  PHL Deoxidation 'Named protein modification' 
10 AIB B 2  ? .   . . . AIB B 1  ? 1_555 .   . . . .     . . ALA 1  AIB Methylation 'Named protein modification' 
11 AIB B 4  ? .   . . . AIB B 3  ? 1_555 .   . . . .     . . ALA 1  AIB Methylation 'Named protein modification' 
12 AIB B 6  ? .   . . . AIB B 5  ? 1_555 .   . . . .     . . ALA 1  AIB Methylation 'Named protein modification' 
13 AIB B 9  ? .   . . . AIB B 8  ? 1_555 .   . . . .     . . ALA 1  AIB Methylation 'Named protein modification' 
14 AIB B 11 ? .   . . . AIB B 10 ? 1_555 .   . . . .     . . ALA 1  AIB Methylation 'Named protein modification' 
15 AIB B 14 ? .   . . . AIB B 13 ? 1_555 .   . . . .     . . ALA 1  AIB Methylation 'Named protein modification' 
16 AIB B 17 ? .   . . . AIB B 16 ? 1_555 .   . . . .     . . ALA 1  AIB Methylation 'Named protein modification' 
17 AIB B 18 ? .   . . . AIB B 17 ? 1_555 .   . . . .     . . ALA 1  AIB Methylation 'Named protein modification' 
18 PHL B 21 ? .   . . . PHL B 20 ? 1_555 .   . . . .     . . PHE 1  PHL Deoxidation 'Named protein modification' 
19 AIB C 2  ? .   . . . AIB C 1  ? 1_555 .   . . . .     . . ALA 1  AIB Methylation 'Named protein modification' 
20 AIB C 4  ? .   . . . AIB C 3  ? 1_555 .   . . . .     . . ALA 1  AIB Methylation 'Named protein modification' 
21 AIB C 6  ? .   . . . AIB C 5  ? 1_555 .   . . . .     . . ALA 1  AIB Methylation 'Named protein modification' 
22 AIB C 9  ? .   . . . AIB C 8  ? 1_555 .   . . . .     . . ALA 1  AIB Methylation 'Named protein modification' 
23 AIB C 11 ? .   . . . AIB C 10 ? 1_555 .   . . . .     . . ALA 1  AIB Methylation 'Named protein modification' 
24 AIB C 14 ? .   . . . AIB C 13 ? 1_555 .   . . . .     . . ALA 1  AIB Methylation 'Named protein modification' 
25 AIB C 17 ? .   . . . AIB C 16 ? 1_555 .   . . . .     . . ALA 1  AIB Methylation 'Named protein modification' 
26 AIB C 18 ? .   . . . AIB C 17 ? 1_555 .   . . . .     . . ALA 1  AIB Methylation 'Named protein modification' 
27 PHL C 21 ? .   . . . PHL C 20 ? 1_555 .   . . . .     . . PHE 1  PHL Deoxidation 'Named protein modification' 
28 ACE A 1  ? AIB A 2 ? ACE A 0  ? 1_555 AIB A 1 ? 1_555 . . AIB 42 ACE None        'Terminal acetylation'       
29 ACE B 1  ? AIB B 2 ? ACE B 0  ? 1_555 AIB B 1 ? 1_555 . . AIB 42 ACE None        'Terminal acetylation'       
30 ACE C 1  ? AIB C 2 ? ACE C 0  ? 1_555 AIB C 1 ? 1_555 . . AIB 42 ACE None        'Terminal acetylation'       
# 
loop_
_struct_site.id 
_struct_site.pdbx_evidence_code 
_struct_site.pdbx_auth_asym_id 
_struct_site.pdbx_auth_comp_id 
_struct_site.pdbx_auth_seq_id 
_struct_site.pdbx_auth_ins_code 
_struct_site.pdbx_num_residues 
_struct_site.details 
AC1 Software B CCN 22 ? 2  'BINDING SITE FOR RESIDUE CCN B 22'           
AC2 Software A CCN 22 ? 3  'BINDING SITE FOR RESIDUE CCN A 22'           
AC3 Software ? ?   ?  ? 8  'BINDING SITE FOR CHAIN A OF ALAMETHICIN F30' 
AC4 Software ? ?   ?  ? 13 'BINDING SITE FOR CHAIN B OF ALAMETHICIN F30' 
AC5 Software ? ?   ?  ? 15 'BINDING SITE FOR CHAIN C OF ALAMETHICIN F30' 
# 
loop_
_struct_site_gen.id 
_struct_site_gen.site_id 
_struct_site_gen.pdbx_num_res 
_struct_site_gen.label_comp_id 
_struct_site_gen.label_asym_id 
_struct_site_gen.label_seq_id 
_struct_site_gen.pdbx_auth_ins_code 
_struct_site_gen.auth_comp_id 
_struct_site_gen.auth_asym_id 
_struct_site_gen.auth_seq_id 
_struct_site_gen.label_atom_id 
_struct_site_gen.label_alt_id 
_struct_site_gen.symmetry 
_struct_site_gen.details 
1  AC1 2  ALA B 5  ? ALA B 4  . ? 1_555 ? 
2  AC1 2  AIB C 6  ? AIB C 5  . ? 1_556 ? 
3  AC2 3  GLU A 19 ? GLU A 18 . ? 1_555 ? 
4  AC2 3  AIB C 18 ? AIB C 17 . ? 1_555 ? 
5  AC2 3  PHL C 21 ? PHL C 20 . ? 1_555 ? 
6  AC3 8  CCN D .  ? CCN A 22 . ? 1_555 ? 
7  AC3 8  ACE B 1  ? ACE B 0  . ? 1_554 ? 
8  AC3 8  GLN B 8  ? GLN B 7  . ? 1_554 ? 
9  AC3 8  GLU B 19 ? GLU B 18 . ? 1_554 ? 
10 AC3 8  PRO C 3  ? PRO C 2  . ? 1_555 ? 
11 AC3 8  AIB C 4  ? AIB C 3  . ? 1_454 ? 
12 AC3 8  GLN C 8  ? GLN C 7  . ? 1_454 ? 
13 AC3 8  PHL C 21 ? PHL C 20 . ? 1_555 ? 
14 AC4 13 AIB A 2  ? AIB A 1  . ? 1_556 ? 
15 AC4 13 AIB A 6  ? AIB A 5  . ? 1_556 ? 
16 AC4 13 GLN A 20 ? GLN A 19 . ? 1_556 ? 
17 AC4 13 CCN F .  ? CCN B 22 . ? 1_555 ? 
18 AC4 13 ALA C 5  ? ALA C 4  . ? 1_455 ? 
19 AC4 13 GLN C 8  ? GLN C 7  . ? 1_555 ? 
20 AC4 13 GLN C 8  ? GLN C 7  . ? 1_455 ? 
21 AC4 13 GLY C 12 ? GLY C 11 . ? 1_555 ? 
22 AC4 13 LEU C 13 ? LEU C 12 . ? 1_555 ? 
23 AC4 13 PRO C 15 ? PRO C 14 . ? 1_555 ? 
24 AC4 13 GLU C 19 ? GLU C 18 . ? 1_555 ? 
25 AC4 13 GLN C 20 ? GLN C 19 . ? 1_556 ? 
26 AC4 13 PHL C 21 ? PHL C 20 . ? 1_556 ? 
27 AC5 15 AIB A 2  ? AIB A 1  . ? 1_555 ? 
28 AC5 15 ALA A 5  ? ALA A 4  . ? 1_555 ? 
29 AC5 15 GLN A 20 ? GLN A 19 . ? 1_656 ? 
30 AC5 15 GLN A 20 ? GLN A 19 . ? 1_555 ? 
31 AC5 15 PHL A 21 ? PHL A 20 . ? 1_656 ? 
32 AC5 15 CCN D .  ? CCN A 22 . ? 1_555 ? 
33 AC5 15 ACE B 1  ? ACE B 0  . ? 1_555 ? 
34 AC5 15 ALA B 7  ? ALA B 6  . ? 1_555 ? 
35 AC5 15 GLN B 8  ? GLN B 7  . ? 1_555 ? 
36 AC5 15 AIB B 11 ? AIB B 10 . ? 1_555 ? 
37 AC5 15 PRO B 15 ? PRO B 14 . ? 1_555 ? 
38 AC5 15 VAL B 16 ? VAL B 15 . ? 1_554 ? 
39 AC5 15 GLU B 19 ? GLU B 18 . ? 1_655 ? 
40 AC5 15 GLN B 20 ? GLN B 19 . ? 1_554 ? 
41 AC5 15 CCN F .  ? CCN B 22 . ? 1_554 ? 
# 
_pdbx_entry_details.entry_id                   1AMT 
_pdbx_entry_details.compound_details           
;ALAMETHICIN F30 IS LINEAR PEPTIDE, A MEMBER OF THE PEPTAIBOL
 FAMILY OF MEMBRANE CHANNEL FORMING PEPTIDES.
 HERE, ALAMETHICIN F30 IS REPRESENTED BY THE SEQUENCE (SEQRES)
;
_pdbx_entry_details.source_details             ? 
_pdbx_entry_details.nonpolymer_details         ? 
_pdbx_entry_details.sequence_details           ? 
_pdbx_entry_details.has_ligand_of_interest     ? 
_pdbx_entry_details.has_protein_modification   Y 
# 
loop_
_pdbx_validate_rmsd_bond.id 
_pdbx_validate_rmsd_bond.PDB_model_num 
_pdbx_validate_rmsd_bond.auth_atom_id_1 
_pdbx_validate_rmsd_bond.auth_asym_id_1 
_pdbx_validate_rmsd_bond.auth_comp_id_1 
_pdbx_validate_rmsd_bond.auth_seq_id_1 
_pdbx_validate_rmsd_bond.PDB_ins_code_1 
_pdbx_validate_rmsd_bond.label_alt_id_1 
_pdbx_validate_rmsd_bond.auth_atom_id_2 
_pdbx_validate_rmsd_bond.auth_asym_id_2 
_pdbx_validate_rmsd_bond.auth_comp_id_2 
_pdbx_validate_rmsd_bond.auth_seq_id_2 
_pdbx_validate_rmsd_bond.PDB_ins_code_2 
_pdbx_validate_rmsd_bond.label_alt_id_2 
_pdbx_validate_rmsd_bond.bond_value 
_pdbx_validate_rmsd_bond.bond_target_value 
_pdbx_validate_rmsd_bond.bond_deviation 
_pdbx_validate_rmsd_bond.bond_standard_deviation 
_pdbx_validate_rmsd_bond.linker_flag 
1  1 C  A ACE 0  ? ? N   A AIB 1  ? ? 1.143 1.336 -0.193 0.023 Y 
2  1 C  A AIB 3  ? ? N   A ALA 4  ? ? 1.174 1.336 -0.162 0.023 Y 
3  1 CD A GLU 18 ? ? OE2 A GLU 18 ? ? 1.103 1.252 -0.149 0.011 N 
4  1 C  B ALA 6  ? ? N   B GLN 7  ? ? 1.185 1.336 -0.151 0.023 Y 
5  1 C  B GLY 11 ? ? O   B GLY 11 ? ? 1.363 1.232 0.131  0.016 N 
6  1 C  B AIB 13 ? ? N   B PRO 14 ? ? 1.220 1.338 -0.118 0.019 Y 
7  1 C  B VAL 15 ? ? O   B VAL 15 ? ? 1.362 1.229 0.133  0.019 N 
8  1 C  B GLU 18 ? ? O   B GLU 18 ? ? 1.396 1.229 0.167  0.019 N 
9  1 CD B GLN 19 ? ? NE2 B GLN 19 ? ? 1.109 1.324 -0.215 0.025 N 
10 1 C  C PRO 2  ? ? O   C PRO 2  ? ? 1.358 1.228 0.130  0.020 N 
11 1 C  C AIB 5  ? ? N   C ALA 6  ? ? 1.194 1.336 -0.142 0.023 Y 
12 1 CD C GLU 18 ? ? OE1 C GLU 18 ? ? 1.140 1.252 -0.112 0.011 N 
13 1 C  C GLU 18 ? ? O   C GLU 18 ? ? 1.391 1.229 0.162  0.019 N 
# 
loop_
_pdbx_validate_rmsd_angle.id 
_pdbx_validate_rmsd_angle.PDB_model_num 
_pdbx_validate_rmsd_angle.auth_atom_id_1 
_pdbx_validate_rmsd_angle.auth_asym_id_1 
_pdbx_validate_rmsd_angle.auth_comp_id_1 
_pdbx_validate_rmsd_angle.auth_seq_id_1 
_pdbx_validate_rmsd_angle.PDB_ins_code_1 
_pdbx_validate_rmsd_angle.label_alt_id_1 
_pdbx_validate_rmsd_angle.auth_atom_id_2 
_pdbx_validate_rmsd_angle.auth_asym_id_2 
_pdbx_validate_rmsd_angle.auth_comp_id_2 
_pdbx_validate_rmsd_angle.auth_seq_id_2 
_pdbx_validate_rmsd_angle.PDB_ins_code_2 
_pdbx_validate_rmsd_angle.label_alt_id_2 
_pdbx_validate_rmsd_angle.auth_atom_id_3 
_pdbx_validate_rmsd_angle.auth_asym_id_3 
_pdbx_validate_rmsd_angle.auth_comp_id_3 
_pdbx_validate_rmsd_angle.auth_seq_id_3 
_pdbx_validate_rmsd_angle.PDB_ins_code_3 
_pdbx_validate_rmsd_angle.label_alt_id_3 
_pdbx_validate_rmsd_angle.angle_value 
_pdbx_validate_rmsd_angle.angle_target_value 
_pdbx_validate_rmsd_angle.angle_deviation 
_pdbx_validate_rmsd_angle.angle_standard_deviation 
_pdbx_validate_rmsd_angle.linker_flag 
1  1 CG1 A VAL 15 ? ? CB A VAL 15 ? ? CG2 A VAL 15 ? ? 121.30 110.90 10.40  1.60 N 
2  1 CA  A VAL 15 ? ? CB A VAL 15 ? ? CG2 A VAL 15 ? ? 101.56 110.90 -9.34  1.50 N 
3  1 CA  B ALA 6  ? ? C  B ALA 6  ? ? N   B GLN 7  ? ? 130.47 117.20 13.27  2.20 Y 
4  1 CA  B GLY 11 ? ? C  B GLY 11 ? ? N   B LEU 12 ? ? 131.52 117.20 14.32  2.20 Y 
5  1 O   B GLY 11 ? ? C  B GLY 11 ? ? N   B LEU 12 ? ? 111.40 122.70 -11.30 1.60 Y 
6  1 CB  B PRO 14 ? ? CA B PRO 14 ? ? C   B PRO 14 ? ? 128.62 111.70 16.92  2.10 N 
7  1 O   B VAL 15 ? ? C  B VAL 15 ? ? N   B AIB 16 ? ? 109.07 122.70 -13.63 1.60 Y 
8  1 C   B VAL 15 ? ? N  B AIB 16 ? ? CA  B AIB 16 ? ? 140.11 121.70 18.41  2.50 Y 
9  1 OE1 B GLU 18 ? ? CD B GLU 18 ? ? OE2 B GLU 18 ? ? 113.66 123.30 -9.64  1.20 N 
10 1 CA  C GLY 11 ? ? C  C GLY 11 ? ? O   C GLY 11 ? ? 104.78 120.60 -15.82 1.80 N 
11 1 CA  C AIB 17 ? ? C  C AIB 17 ? ? N   C GLU 18 ? ? 130.83 117.20 13.63  2.20 Y 
12 1 O   C AIB 17 ? ? C  C AIB 17 ? ? N   C GLU 18 ? ? 112.48 122.70 -10.22 1.60 Y 
13 1 OE1 C GLU 18 ? ? CD C GLU 18 ? ? OE2 C GLU 18 ? ? 114.64 123.30 -8.66  1.20 N 
# 
loop_
_pdbx_validate_main_chain_plane.id 
_pdbx_validate_main_chain_plane.PDB_model_num 
_pdbx_validate_main_chain_plane.auth_comp_id 
_pdbx_validate_main_chain_plane.auth_asym_id 
_pdbx_validate_main_chain_plane.auth_seq_id 
_pdbx_validate_main_chain_plane.PDB_ins_code 
_pdbx_validate_main_chain_plane.label_alt_id 
_pdbx_validate_main_chain_plane.improper_torsion_angle 
1 1 VAL A 15 ? ? 13.13 
2 1 GLY C 11 ? ? 10.83 
# 
loop_
_pdbx_validate_polymer_linkage.id 
_pdbx_validate_polymer_linkage.PDB_model_num 
_pdbx_validate_polymer_linkage.auth_atom_id_1 
_pdbx_validate_polymer_linkage.auth_asym_id_1 
_pdbx_validate_polymer_linkage.auth_comp_id_1 
_pdbx_validate_polymer_linkage.auth_seq_id_1 
_pdbx_validate_polymer_linkage.PDB_ins_code_1 
_pdbx_validate_polymer_linkage.label_alt_id_1 
_pdbx_validate_polymer_linkage.auth_atom_id_2 
_pdbx_validate_polymer_linkage.auth_asym_id_2 
_pdbx_validate_polymer_linkage.auth_comp_id_2 
_pdbx_validate_polymer_linkage.auth_seq_id_2 
_pdbx_validate_polymer_linkage.PDB_ins_code_2 
_pdbx_validate_polymer_linkage.label_alt_id_2 
_pdbx_validate_polymer_linkage.dist 
1 1 C A ACE 0  ? ? N A AIB 1  ? ? 1.14 
2 1 C A AIB 3  ? ? N A ALA 4  ? ? 1.17 
3 1 C B ALA 6  ? ? N B GLN 7  ? ? 1.19 
4 1 C C PRO 2  ? ? N C AIB 3  ? ? 1.20 
5 1 C C AIB 5  ? ? N C ALA 6  ? ? 1.19 
6 1 C C GLY 11 ? ? N C LEU 12 ? ? 1.20 
# 
_pdbx_molecule_features.prd_id    PRD_000163 
_pdbx_molecule_features.name      Alamethicin 
_pdbx_molecule_features.type      Peptaibol 
_pdbx_molecule_features.class     Antibiotic 
_pdbx_molecule_features.details   
;ALAMETHICIN F30 IS AN EICOSAMERIC HELICAL PEPTIDE.
 THE N-TERM IS ACETYLATED (RESIDUE 0)
;
# 
loop_
_pdbx_molecule.instance_id 
_pdbx_molecule.prd_id 
_pdbx_molecule.asym_id 
1 PRD_000163 A 
2 PRD_000163 B 
3 PRD_000163 C 
# 
loop_
_chem_comp_atom.comp_id 
_chem_comp_atom.atom_id 
_chem_comp_atom.type_symbol 
_chem_comp_atom.pdbx_aromatic_flag 
_chem_comp_atom.pdbx_stereo_config 
_chem_comp_atom.pdbx_ordinal 
ACE C    C N N 1   
ACE O    O N N 2   
ACE CH3  C N N 3   
ACE H    H N N 4   
ACE H1   H N N 5   
ACE H2   H N N 6   
ACE H3   H N N 7   
AIB N    N N N 8   
AIB CA   C N N 9   
AIB C    C N N 10  
AIB O    O N N 11  
AIB OXT  O N N 12  
AIB CB1  C N N 13  
AIB CB2  C N N 14  
AIB H    H N N 15  
AIB H2   H N N 16  
AIB HXT  H N N 17  
AIB HB11 H N N 18  
AIB HB12 H N N 19  
AIB HB13 H N N 20  
AIB HB21 H N N 21  
AIB HB22 H N N 22  
AIB HB23 H N N 23  
ALA N    N N N 24  
ALA CA   C N S 25  
ALA C    C N N 26  
ALA O    O N N 27  
ALA CB   C N N 28  
ALA OXT  O N N 29  
ALA H    H N N 30  
ALA H2   H N N 31  
ALA HA   H N N 32  
ALA HB1  H N N 33  
ALA HB2  H N N 34  
ALA HB3  H N N 35  
ALA HXT  H N N 36  
CCN N    N N N 37  
CCN C1   C N N 38  
CCN C2   C N N 39  
CCN H21  H N N 40  
CCN H22  H N N 41  
CCN H23  H N N 42  
GLN N    N N N 43  
GLN CA   C N S 44  
GLN C    C N N 45  
GLN O    O N N 46  
GLN CB   C N N 47  
GLN CG   C N N 48  
GLN CD   C N N 49  
GLN OE1  O N N 50  
GLN NE2  N N N 51  
GLN OXT  O N N 52  
GLN H    H N N 53  
GLN H2   H N N 54  
GLN HA   H N N 55  
GLN HB2  H N N 56  
GLN HB3  H N N 57  
GLN HG2  H N N 58  
GLN HG3  H N N 59  
GLN HE21 H N N 60  
GLN HE22 H N N 61  
GLN HXT  H N N 62  
GLU N    N N N 63  
GLU CA   C N S 64  
GLU C    C N N 65  
GLU O    O N N 66  
GLU CB   C N N 67  
GLU CG   C N N 68  
GLU CD   C N N 69  
GLU OE1  O N N 70  
GLU OE2  O N N 71  
GLU OXT  O N N 72  
GLU H    H N N 73  
GLU H2   H N N 74  
GLU HA   H N N 75  
GLU HB2  H N N 76  
GLU HB3  H N N 77  
GLU HG2  H N N 78  
GLU HG3  H N N 79  
GLU HE2  H N N 80  
GLU HXT  H N N 81  
GLY N    N N N 82  
GLY CA   C N N 83  
GLY C    C N N 84  
GLY O    O N N 85  
GLY OXT  O N N 86  
GLY H    H N N 87  
GLY H2   H N N 88  
GLY HA2  H N N 89  
GLY HA3  H N N 90  
GLY HXT  H N N 91  
LEU N    N N N 92  
LEU CA   C N S 93  
LEU C    C N N 94  
LEU O    O N N 95  
LEU CB   C N N 96  
LEU CG   C N N 97  
LEU CD1  C N N 98  
LEU CD2  C N N 99  
LEU OXT  O N N 100 
LEU H    H N N 101 
LEU H2   H N N 102 
LEU HA   H N N 103 
LEU HB2  H N N 104 
LEU HB3  H N N 105 
LEU HG   H N N 106 
LEU HD11 H N N 107 
LEU HD12 H N N 108 
LEU HD13 H N N 109 
LEU HD21 H N N 110 
LEU HD22 H N N 111 
LEU HD23 H N N 112 
LEU HXT  H N N 113 
MOH C    C N N 114 
MOH O    O N N 115 
MOH H1   H N N 116 
MOH H2   H N N 117 
MOH H3   H N N 118 
MOH HO   H N N 119 
PHL N    N N N 120 
PHL CA   C N S 121 
PHL C    C N N 122 
PHL O    O N N 123 
PHL CB   C N N 124 
PHL CG   C Y N 125 
PHL CD1  C Y N 126 
PHL CD2  C Y N 127 
PHL CE1  C Y N 128 
PHL CE2  C Y N 129 
PHL CZ   C Y N 130 
PHL H    H N N 131 
PHL H2   H N N 132 
PHL HA   H N N 133 
PHL HC1  H N N 134 
PHL HC2  H N N 135 
PHL HO   H N N 136 
PHL HB2  H N N 137 
PHL HB3  H N N 138 
PHL HD1  H N N 139 
PHL HD2  H N N 140 
PHL HE1  H N N 141 
PHL HE2  H N N 142 
PHL HZ   H N N 143 
PRO N    N N N 144 
PRO CA   C N S 145 
PRO C    C N N 146 
PRO O    O N N 147 
PRO CB   C N N 148 
PRO CG   C N N 149 
PRO CD   C N N 150 
PRO OXT  O N N 151 
PRO H    H N N 152 
PRO HA   H N N 153 
PRO HB2  H N N 154 
PRO HB3  H N N 155 
PRO HG2  H N N 156 
PRO HG3  H N N 157 
PRO HD2  H N N 158 
PRO HD3  H N N 159 
PRO HXT  H N N 160 
VAL N    N N N 161 
VAL CA   C N S 162 
VAL C    C N N 163 
VAL O    O N N 164 
VAL CB   C N N 165 
VAL CG1  C N N 166 
VAL CG2  C N N 167 
VAL OXT  O N N 168 
VAL H    H N N 169 
VAL H2   H N N 170 
VAL HA   H N N 171 
VAL HB   H N N 172 
VAL HG11 H N N 173 
VAL HG12 H N N 174 
VAL HG13 H N N 175 
VAL HG21 H N N 176 
VAL HG22 H N N 177 
VAL HG23 H N N 178 
VAL HXT  H N N 179 
# 
loop_
_chem_comp_bond.comp_id 
_chem_comp_bond.atom_id_1 
_chem_comp_bond.atom_id_2 
_chem_comp_bond.value_order 
_chem_comp_bond.pdbx_aromatic_flag 
_chem_comp_bond.pdbx_stereo_config 
_chem_comp_bond.pdbx_ordinal 
ACE C   O    doub N N 1   
ACE C   CH3  sing N N 2   
ACE C   H    sing N N 3   
ACE CH3 H1   sing N N 4   
ACE CH3 H2   sing N N 5   
ACE CH3 H3   sing N N 6   
AIB N   CA   sing N N 7   
AIB N   H    sing N N 8   
AIB N   H2   sing N N 9   
AIB CA  C    sing N N 10  
AIB CA  CB1  sing N N 11  
AIB CA  CB2  sing N N 12  
AIB C   O    doub N N 13  
AIB C   OXT  sing N N 14  
AIB OXT HXT  sing N N 15  
AIB CB1 HB11 sing N N 16  
AIB CB1 HB12 sing N N 17  
AIB CB1 HB13 sing N N 18  
AIB CB2 HB21 sing N N 19  
AIB CB2 HB22 sing N N 20  
AIB CB2 HB23 sing N N 21  
ALA N   CA   sing N N 22  
ALA N   H    sing N N 23  
ALA N   H2   sing N N 24  
ALA CA  C    sing N N 25  
ALA CA  CB   sing N N 26  
ALA CA  HA   sing N N 27  
ALA C   O    doub N N 28  
ALA C   OXT  sing N N 29  
ALA CB  HB1  sing N N 30  
ALA CB  HB2  sing N N 31  
ALA CB  HB3  sing N N 32  
ALA OXT HXT  sing N N 33  
CCN N   C1   trip N N 34  
CCN C1  C2   sing N N 35  
CCN C2  H21  sing N N 36  
CCN C2  H22  sing N N 37  
CCN C2  H23  sing N N 38  
GLN N   CA   sing N N 39  
GLN N   H    sing N N 40  
GLN N   H2   sing N N 41  
GLN CA  C    sing N N 42  
GLN CA  CB   sing N N 43  
GLN CA  HA   sing N N 44  
GLN C   O    doub N N 45  
GLN C   OXT  sing N N 46  
GLN CB  CG   sing N N 47  
GLN CB  HB2  sing N N 48  
GLN CB  HB3  sing N N 49  
GLN CG  CD   sing N N 50  
GLN CG  HG2  sing N N 51  
GLN CG  HG3  sing N N 52  
GLN CD  OE1  doub N N 53  
GLN CD  NE2  sing N N 54  
GLN NE2 HE21 sing N N 55  
GLN NE2 HE22 sing N N 56  
GLN OXT HXT  sing N N 57  
GLU N   CA   sing N N 58  
GLU N   H    sing N N 59  
GLU N   H2   sing N N 60  
GLU CA  C    sing N N 61  
GLU CA  CB   sing N N 62  
GLU CA  HA   sing N N 63  
GLU C   O    doub N N 64  
GLU C   OXT  sing N N 65  
GLU CB  CG   sing N N 66  
GLU CB  HB2  sing N N 67  
GLU CB  HB3  sing N N 68  
GLU CG  CD   sing N N 69  
GLU CG  HG2  sing N N 70  
GLU CG  HG3  sing N N 71  
GLU CD  OE1  doub N N 72  
GLU CD  OE2  sing N N 73  
GLU OE2 HE2  sing N N 74  
GLU OXT HXT  sing N N 75  
GLY N   CA   sing N N 76  
GLY N   H    sing N N 77  
GLY N   H2   sing N N 78  
GLY CA  C    sing N N 79  
GLY CA  HA2  sing N N 80  
GLY CA  HA3  sing N N 81  
GLY C   O    doub N N 82  
GLY C   OXT  sing N N 83  
GLY OXT HXT  sing N N 84  
LEU N   CA   sing N N 85  
LEU N   H    sing N N 86  
LEU N   H2   sing N N 87  
LEU CA  C    sing N N 88  
LEU CA  CB   sing N N 89  
LEU CA  HA   sing N N 90  
LEU C   O    doub N N 91  
LEU C   OXT  sing N N 92  
LEU CB  CG   sing N N 93  
LEU CB  HB2  sing N N 94  
LEU CB  HB3  sing N N 95  
LEU CG  CD1  sing N N 96  
LEU CG  CD2  sing N N 97  
LEU CG  HG   sing N N 98  
LEU CD1 HD11 sing N N 99  
LEU CD1 HD12 sing N N 100 
LEU CD1 HD13 sing N N 101 
LEU CD2 HD21 sing N N 102 
LEU CD2 HD22 sing N N 103 
LEU CD2 HD23 sing N N 104 
LEU OXT HXT  sing N N 105 
MOH C   O    sing N N 106 
MOH C   H1   sing N N 107 
MOH C   H2   sing N N 108 
MOH C   H3   sing N N 109 
MOH O   HO   sing N N 110 
PHL N   CA   sing N N 111 
PHL N   H    sing N N 112 
PHL N   H2   sing N N 113 
PHL CA  C    sing N N 114 
PHL CA  CB   sing N N 115 
PHL CA  HA   sing N N 116 
PHL C   O    sing N N 117 
PHL C   HC1  sing N N 118 
PHL C   HC2  sing N N 119 
PHL O   HO   sing N N 120 
PHL CB  CG   sing N N 121 
PHL CB  HB2  sing N N 122 
PHL CB  HB3  sing N N 123 
PHL CG  CD1  doub Y N 124 
PHL CG  CD2  sing Y N 125 
PHL CD1 CE1  sing Y N 126 
PHL CD1 HD1  sing N N 127 
PHL CD2 CE2  doub Y N 128 
PHL CD2 HD2  sing N N 129 
PHL CE1 CZ   doub Y N 130 
PHL CE1 HE1  sing N N 131 
PHL CE2 CZ   sing Y N 132 
PHL CE2 HE2  sing N N 133 
PHL CZ  HZ   sing N N 134 
PRO N   CA   sing N N 135 
PRO N   CD   sing N N 136 
PRO N   H    sing N N 137 
PRO CA  C    sing N N 138 
PRO CA  CB   sing N N 139 
PRO CA  HA   sing N N 140 
PRO C   O    doub N N 141 
PRO C   OXT  sing N N 142 
PRO CB  CG   sing N N 143 
PRO CB  HB2  sing N N 144 
PRO CB  HB3  sing N N 145 
PRO CG  CD   sing N N 146 
PRO CG  HG2  sing N N 147 
PRO CG  HG3  sing N N 148 
PRO CD  HD2  sing N N 149 
PRO CD  HD3  sing N N 150 
PRO OXT HXT  sing N N 151 
VAL N   CA   sing N N 152 
VAL N   H    sing N N 153 
VAL N   H2   sing N N 154 
VAL CA  C    sing N N 155 
VAL CA  CB   sing N N 156 
VAL CA  HA   sing N N 157 
VAL C   O    doub N N 158 
VAL C   OXT  sing N N 159 
VAL CB  CG1  sing N N 160 
VAL CB  CG2  sing N N 161 
VAL CB  HB   sing N N 162 
VAL CG1 HG11 sing N N 163 
VAL CG1 HG12 sing N N 164 
VAL CG1 HG13 sing N N 165 
VAL CG2 HG21 sing N N 166 
VAL CG2 HG22 sing N N 167 
VAL CG2 HG23 sing N N 168 
VAL OXT HXT  sing N N 169 
# 
_atom_sites.entry_id                    1AMT 
_atom_sites.fract_transf_matrix[1][1]   0.00694910 
_atom_sites.fract_transf_matrix[1][2]   -0.03341222 
_atom_sites.fract_transf_matrix[1][3]   -0.00673638 
_atom_sites.fract_transf_matrix[2][1]   0.03137761 
_atom_sites.fract_transf_matrix[2][2]   0.00415783 
_atom_sites.fract_transf_matrix[2][3]   0.01174576 
_atom_sites.fract_transf_matrix[3][1]   -0.00832393 
_atom_sites.fract_transf_matrix[3][2]   -0.03504391 
_atom_sites.fract_transf_matrix[3][3]   0.03464156 
_atom_sites.fract_transf_vector[1]      0.930424 
_atom_sites.fract_transf_vector[2]      0.177716 
_atom_sites.fract_transf_vector[3]      0.251662 
# 
loop_
_atom_type.symbol 
C 
N 
O 
# 
loop_
_atom_site.group_PDB 
_atom_site.id 
_atom_site.type_symbol 
_atom_site.label_atom_id 
_atom_site.label_alt_id 
_atom_site.label_comp_id 
_atom_site.label_asym_id 
_atom_site.label_entity_id 
_atom_site.label_seq_id 
_atom_site.pdbx_PDB_ins_code 
_atom_site.Cartn_x 
_atom_site.Cartn_y 
_atom_site.Cartn_z 
_atom_site.occupancy 
_atom_site.B_iso_or_equiv 
_atom_site.pdbx_formal_charge 
_atom_site.auth_seq_id 
_atom_site.auth_comp_id 
_atom_site.auth_asym_id 
_atom_site.auth_atom_id 
_atom_site.pdbx_PDB_model_num 
HETATM 1   C C   . ACE A 1 1  ? 4.127   -9.963  -18.281 1.00 3.22  ? 0  ACE A C   1 
HETATM 2   O O   . ACE A 1 1  ? 3.334   -9.575  -17.275 1.00 3.84  ? 0  ACE A O   1 
HETATM 3   C CH3 . ACE A 1 1  ? 3.724   -11.447 -18.635 1.00 6.05  ? 0  ACE A CH3 1 
HETATM 4   N N   . AIB A 1 2  ? 5.151   -9.487  -18.457 1.00 2.06  ? 1  AIB A N   1 
HETATM 5   C CA  . AIB A 1 2  ? 5.623   -8.156  -17.877 1.00 2.00  ? 1  AIB A CA  1 
HETATM 6   C C   . AIB A 1 2  ? 4.469   -7.154  -17.923 1.00 5.00  ? 1  AIB A C   1 
HETATM 7   O O   . AIB A 1 2  ? 4.290   -6.560  -16.831 1.00 3.21  ? 1  AIB A O   1 
HETATM 8   C CB1 . AIB A 1 2  ? 6.785   -7.667  -18.665 1.00 4.50  ? 1  AIB A CB1 1 
HETATM 9   C CB2 . AIB A 1 2  ? 6.134   -8.366  -16.441 1.00 5.09  ? 1  AIB A CB2 1 
ATOM   10  N N   . PRO A 1 3  ? 3.738   -6.983  -18.924 1.00 2.71  ? 2  PRO A N   1 
ATOM   11  C CA  . PRO A 1 3  ? 2.655   -5.857  -18.894 1.00 3.18  ? 2  PRO A CA  1 
ATOM   12  C C   . PRO A 1 3  ? 1.622   -6.076  -17.778 1.00 3.82  ? 2  PRO A C   1 
ATOM   13  O O   . PRO A 1 3  ? 1.169   -5.119  -17.290 1.00 5.12  ? 2  PRO A O   1 
ATOM   14  C CB  . PRO A 1 3  ? 2.107   -5.898  -20.318 1.00 3.86  ? 2  PRO A CB  1 
ATOM   15  C CG  . PRO A 1 3  ? 3.124   -6.661  -21.184 1.00 4.92  ? 2  PRO A CG  1 
ATOM   16  C CD  . PRO A 1 3  ? 3.766   -7.601  -20.206 1.00 6.02  ? 2  PRO A CD  1 
HETATM 17  N N   . AIB A 1 4  ? 1.285   -7.265  -17.431 1.00 2.01  ? 3  AIB A N   1 
HETATM 18  C CA  . AIB A 1 4  ? 0.240   -7.524  -16.416 1.00 3.37  ? 3  AIB A CA  1 
HETATM 19  C C   . AIB A 1 4  ? 0.920   -6.942  -15.176 1.00 3.67  ? 3  AIB A C   1 
HETATM 20  O O   . AIB A 1 4  ? -0.049  -6.337  -14.355 1.00 4.22  ? 3  AIB A O   1 
HETATM 21  C CB1 . AIB A 1 4  ? 0.171   -9.087  -16.194 1.00 5.31  ? 3  AIB A CB1 1 
HETATM 22  C CB2 . AIB A 1 4  ? -1.076  -7.093  -16.920 1.00 5.67  ? 3  AIB A CB2 1 
ATOM   23  N N   . ALA A 1 5  ? 2.005   -7.159  -14.784 1.00 3.23  ? 4  ALA A N   1 
ATOM   24  C CA  . ALA A 1 5  ? 2.619   -6.565  -13.522 1.00 2.93  ? 4  ALA A CA  1 
ATOM   25  C C   . ALA A 1 5  ? 2.585   -5.036  -13.572 1.00 5.21  ? 4  ALA A C   1 
ATOM   26  O O   . ALA A 1 5  ? 2.201   -4.496  -12.523 1.00 3.60  ? 4  ALA A O   1 
ATOM   27  C CB  . ALA A 1 5  ? 3.973   -7.163  -13.278 1.00 5.70  ? 4  ALA A CB  1 
HETATM 28  N N   . AIB A 1 6  ? 2.985   -4.419  -14.563 1.00 4.45  ? 5  AIB A N   1 
HETATM 29  C CA  . AIB A 1 6  ? 3.032   -2.947  -14.726 1.00 2.98  ? 5  AIB A CA  1 
HETATM 30  C C   . AIB A 1 6  ? 1.599   -2.496  -14.641 1.00 3.67  ? 5  AIB A C   1 
HETATM 31  O O   . AIB A 1 6  ? 1.428   -1.564  -13.653 1.00 4.20  ? 5  AIB A O   1 
HETATM 32  C CB1 . AIB A 1 6  ? 3.474   -2.642  -16.142 1.00 3.89  ? 5  AIB A CB1 1 
HETATM 33  C CB2 . AIB A 1 6  ? 4.032   -2.454  -13.672 1.00 4.33  ? 5  AIB A CB2 1 
ATOM   34  N N   . ALA A 1 7  ? 0.589   -3.034  -15.207 1.00 2.00  ? 6  ALA A N   1 
ATOM   35  C CA  . ALA A 1 7  ? -0.820  -2.491  -15.103 1.00 3.17  ? 6  ALA A CA  1 
ATOM   36  C C   . ALA A 1 7  ? -1.317  -2.750  -13.726 1.00 3.75  ? 6  ALA A C   1 
ATOM   37  O O   . ALA A 1 7  ? -2.085  -1.850  -13.211 1.00 4.40  ? 6  ALA A O   1 
ATOM   38  C CB  . ALA A 1 7  ? -1.626  -3.157  -16.232 1.00 5.40  ? 6  ALA A CB  1 
ATOM   39  N N   . GLN A 1 8  ? -0.958  -3.862  -13.122 1.00 4.21  ? 7  GLN A N   1 
ATOM   40  C CA  . GLN A 1 8  ? -1.497  -4.083  -11.740 1.00 4.74  ? 7  GLN A CA  1 
ATOM   41  C C   . GLN A 1 8  ? -0.942  -3.090  -10.773 1.00 2.00  ? 7  GLN A C   1 
ATOM   42  O O   . GLN A 1 8  ? -1.810  -2.562  -9.954  1.00 3.67  ? 7  GLN A O   1 
ATOM   43  C CB  . GLN A 1 8  ? -1.187  -5.567  -11.307 1.00 2.35  ? 7  GLN A CB  1 
ATOM   44  C CG  . GLN A 1 8  ? -2.074  -6.535  -11.945 1.00 8.42  ? 7  GLN A CG  1 
ATOM   45  C CD  . GLN A 1 8  ? -3.347  -6.991  -11.062 1.00 4.67  ? 7  GLN A CD  1 
ATOM   46  O OE1 . GLN A 1 8  ? -3.273  -7.094  -9.859  1.00 14.10 ? 7  GLN A OE1 1 
ATOM   47  N NE2 . GLN A 1 8  ? -4.351  -7.324  -11.797 1.00 8.34  ? 7  GLN A NE2 1 
HETATM 48  N N   . AIB A 1 9  ? 0.265   -2.771  -10.721 1.00 3.21  ? 8  AIB A N   1 
HETATM 49  C CA  . AIB A 1 9  ? 1.013   -1.850  -9.844  1.00 2.00  ? 8  AIB A CA  1 
HETATM 50  C C   . AIB A 1 9  ? 0.329   -0.541  -10.115 1.00 2.00  ? 8  AIB A C   1 
HETATM 51  O O   . AIB A 1 9  ? -0.099  0.067   -8.921  1.00 4.10  ? 8  AIB A O   1 
HETATM 52  C CB1 . AIB A 1 9  ? 2.427   -1.686  -10.103 1.00 3.22  ? 8  AIB A CB1 1 
HETATM 53  C CB2 . AIB A 1 9  ? 0.798   -2.433  -8.415  1.00 5.34  ? 8  AIB A CB2 1 
ATOM   54  N N   . VAL A 1 10 ? 0.091   -0.075  -11.266 1.00 3.01  ? 9  VAL A N   1 
ATOM   55  C CA  . VAL A 1 10 ? -0.433  1.299   -11.433 1.00 2.75  ? 9  VAL A CA  1 
ATOM   56  C C   . VAL A 1 10 ? -1.793  1.416   -10.955 1.00 4.20  ? 9  VAL A C   1 
ATOM   57  O O   . VAL A 1 10 ? -2.270  2.371   -10.208 1.00 5.54  ? 9  VAL A O   1 
ATOM   58  C CB  . VAL A 1 10 ? -0.342  1.626   -12.943 1.00 4.48  ? 9  VAL A CB  1 
ATOM   59  C CG1 . VAL A 1 10 ? -1.050  2.965   -13.078 1.00 7.66  ? 9  VAL A CG1 1 
ATOM   60  C CG2 . VAL A 1 10 ? 1.084   1.781   -13.206 1.00 5.78  ? 9  VAL A CG2 1 
HETATM 61  N N   . AIB A 1 11 ? -2.728  0.390   -11.224 1.00 2.00  ? 10 AIB A N   1 
HETATM 62  C CA  . AIB A 1 11 ? -4.173  0.310   -10.827 1.00 2.00  ? 10 AIB A CA  1 
HETATM 63  C C   . AIB A 1 11 ? -4.141  0.296   -9.321  1.00 2.75  ? 10 AIB A C   1 
HETATM 64  O O   . AIB A 1 11 ? -4.969  1.056   -8.736  1.00 6.59  ? 10 AIB A O   1 
HETATM 65  C CB1 . AIB A 1 11 ? -4.711  -1.028  -11.307 1.00 6.61  ? 10 AIB A CB1 1 
HETATM 66  C CB2 . AIB A 1 11 ? -4.935  1.433   -11.470 1.00 3.24  ? 10 AIB A CB2 1 
ATOM   67  N N   . GLY A 1 12 ? -3.216  -0.299  -8.603  1.00 2.36  ? 11 GLY A N   1 
ATOM   68  C CA  . GLY A 1 12 ? -3.275  -0.359  -7.112  1.00 4.06  ? 11 GLY A CA  1 
ATOM   69  C C   . GLY A 1 12 ? -2.818  0.943   -6.545  1.00 3.58  ? 11 GLY A C   1 
ATOM   70  O O   . GLY A 1 12 ? -3.211  1.341   -5.357  1.00 7.72  ? 11 GLY A O   1 
ATOM   71  N N   . LEU A 1 13 ? -2.042  1.698   -7.109  1.00 3.08  ? 12 LEU A N   1 
ATOM   72  C CA  . LEU A 1 13 ? -1.463  3.054   -6.633  1.00 2.75  ? 12 LEU A CA  1 
ATOM   73  C C   . LEU A 1 13 ? -2.500  4.035   -7.000  1.00 4.20  ? 12 LEU A C   1 
ATOM   74  O O   . LEU A 1 13 ? -2.568  5.083   -6.186  1.00 6.11  ? 12 LEU A O   1 
ATOM   75  C CB  . LEU A 1 13 ? -0.132  3.499   -7.273  1.00 4.89  ? 12 LEU A CB  1 
ATOM   76  C CG  . LEU A 1 13 ? 0.923   2.500   -6.850  1.00 6.24  ? 12 LEU A CG  1 
ATOM   77  C CD1 . LEU A 1 13 ? 2.249   2.862   -7.618  1.00 9.09  ? 12 LEU A CD1 1 
ATOM   78  C CD2 . LEU A 1 13 ? 1.214   2.749   -5.374  1.00 7.67  ? 12 LEU A CD2 1 
HETATM 79  N N   . AIB A 1 14 ? -3.272  4.035   -8.089  1.00 4.36  ? 13 AIB A N   1 
HETATM 80  C CA  . AIB A 1 14 ? -4.092  5.244   -8.454  1.00 4.00  ? 13 AIB A CA  1 
HETATM 81  C C   . AIB A 1 14 ? -4.979  5.758   -7.429  1.00 4.69  ? 13 AIB A C   1 
HETATM 82  O O   . AIB A 1 14 ? -5.029  6.944   -7.349  1.00 4.94  ? 13 AIB A O   1 
HETATM 83  C CB1 . AIB A 1 14 ? -4.918  4.718   -9.652  1.00 3.34  ? 13 AIB A CB1 1 
HETATM 84  C CB2 . AIB A 1 14 ? -3.063  6.310   -8.900  1.00 6.43  ? 13 AIB A CB2 1 
ATOM   85  N N   . PRO A 1 15 ? -5.588  5.007   -6.525  1.00 3.09  ? 14 PRO A N   1 
ATOM   86  C CA  . PRO A 1 15 ? -6.559  5.525   -5.542  1.00 4.44  ? 14 PRO A CA  1 
ATOM   87  C C   . PRO A 1 15 ? -5.734  6.305   -4.546  1.00 4.19  ? 14 PRO A C   1 
ATOM   88  O O   . PRO A 1 15 ? -6.422  7.272   -4.078  1.00 6.80  ? 14 PRO A O   1 
ATOM   89  C CB  . PRO A 1 15 ? -7.262  4.321   -4.981  1.00 5.59  ? 14 PRO A CB  1 
ATOM   90  C CG  . PRO A 1 15 ? -7.144  3.248   -6.144  1.00 8.58  ? 14 PRO A CG  1 
ATOM   91  C CD  . PRO A 1 15 ? -5.755  3.523   -6.542  1.00 6.57  ? 14 PRO A CD  1 
ATOM   92  N N   . VAL A 1 16 ? -4.584  6.055   -4.251  1.00 3.67  ? 15 VAL A N   1 
ATOM   93  C CA  . VAL A 1 16 ? -3.862  6.919   -3.206  1.00 4.51  ? 15 VAL A CA  1 
ATOM   94  C C   . VAL A 1 16 ? -3.786  8.263   -3.857  1.00 6.64  ? 15 VAL A C   1 
ATOM   95  O O   . VAL A 1 16 ? -3.990  9.253   -3.028  1.00 4.95  ? 15 VAL A O   1 
ATOM   96  C CB  . VAL A 1 16 ? -2.409  6.203   -3.051  1.00 5.33  ? 15 VAL A CB  1 
ATOM   97  C CG1 . VAL A 1 16 ? -1.434  7.229   -2.368  1.00 8.36  ? 15 VAL A CG1 1 
ATOM   98  C CG2 . VAL A 1 16 ? -2.792  4.871   -2.358  1.00 14.62 ? 15 VAL A CG2 1 
HETATM 99  N N   . AIB A 1 17 ? -3.178  8.547   -4.993  1.00 3.70  ? 16 AIB A N   1 
HETATM 100 C CA  . AIB A 1 17 ? -3.028  9.787   -5.637  1.00 5.66  ? 16 AIB A CA  1 
HETATM 101 C C   . AIB A 1 17 ? -4.406  10.483  -5.654  1.00 3.95  ? 16 AIB A C   1 
HETATM 102 O O   . AIB A 1 17 ? -4.528  11.694  -5.287  1.00 4.90  ? 16 AIB A O   1 
HETATM 103 C CB1 . AIB A 1 17 ? -2.556  9.644   -7.135  1.00 9.63  ? 16 AIB A CB1 1 
HETATM 104 C CB2 . AIB A 1 17 ? -2.036  10.622  -4.890  1.00 6.37  ? 16 AIB A CB2 1 
HETATM 105 N N   . AIB A 1 18 ? -5.445  9.834   -6.183  1.00 3.71  ? 17 AIB A N   1 
HETATM 106 C CA  . AIB A 1 18 ? -6.757  10.333  -6.392  1.00 2.14  ? 17 AIB A CA  1 
HETATM 107 C C   . AIB A 1 18 ? -7.373  11.013  -5.162  1.00 2.00  ? 17 AIB A C   1 
HETATM 108 O O   . AIB A 1 18 ? -7.840  12.145  -5.271  1.00 3.54  ? 17 AIB A O   1 
HETATM 109 C CB1 . AIB A 1 18 ? -7.731  9.075   -6.715  1.00 2.93  ? 17 AIB A CB1 1 
HETATM 110 C CB2 . AIB A 1 18 ? -6.729  11.337  -7.564  1.00 3.71  ? 17 AIB A CB2 1 
ATOM   111 N N   . GLU A 1 19 ? -7.087  10.387  -3.995  1.00 2.00  ? 18 GLU A N   1 
ATOM   112 C CA  . GLU A 1 19 ? -7.708  10.923  -2.758  1.00 3.30  ? 18 GLU A CA  1 
ATOM   113 C C   . GLU A 1 19 ? -7.131  12.173  -2.213  1.00 3.93  ? 18 GLU A C   1 
ATOM   114 O O   . GLU A 1 19 ? -7.510  12.721  -1.244  1.00 7.18  ? 18 GLU A O   1 
ATOM   115 C CB  . GLU A 1 19 ? -7.850  9.843   -1.798  1.00 2.44  ? 18 GLU A CB  1 
ATOM   116 C CG  . GLU A 1 19 ? -8.851  8.673   -2.000  1.00 3.80  ? 18 GLU A CG  1 
ATOM   117 C CD  . GLU A 1 19 ? -10.262 9.405   -2.003  1.00 6.48  ? 18 GLU A CD  1 
ATOM   118 O OE1 . GLU A 1 19 ? -11.010 9.208   -2.915  1.00 12.85 ? 18 GLU A OE1 1 
ATOM   119 O OE2 . GLU A 1 19 ? -10.658 9.780   -1.045  1.00 12.84 ? 18 GLU A OE2 1 
ATOM   120 N N   . GLN A 1 20 ? -5.991  12.711  -2.844  1.00 2.00  ? 19 GLN A N   1 
ATOM   121 C CA  . GLN A 1 20 ? -5.349  13.961  -2.441  1.00 3.45  ? 19 GLN A CA  1 
ATOM   122 C C   . GLN A 1 20 ? -5.958  15.016  -3.308  1.00 3.88  ? 19 GLN A C   1 
ATOM   123 O O   . GLN A 1 20 ? -5.510  16.236  -3.066  1.00 5.12  ? 19 GLN A O   1 
ATOM   124 C CB  . GLN A 1 20 ? -3.850  13.866  -2.404  1.00 2.04  ? 19 GLN A CB  1 
ATOM   125 C CG  . GLN A 1 20 ? -3.257  12.588  -1.816  1.00 2.34  ? 19 GLN A CG  1 
ATOM   126 C CD  . GLN A 1 20 ? -3.954  12.053  -0.559  1.00 2.27  ? 19 GLN A CD  1 
ATOM   127 O OE1 . GLN A 1 20 ? -4.151  12.954  0.307   1.00 5.57  ? 19 GLN A OE1 1 
ATOM   128 N NE2 . GLN A 1 20 ? -4.264  10.825  -0.447  1.00 6.16  ? 19 GLN A NE2 1 
HETATM 129 N N   . PHL A 1 21 ? -6.773  14.715  -4.303  1.00 2.88  ? 20 PHL A N   1 
HETATM 130 C CA  . PHL A 1 21 ? -7.335  15.741  -5.233  1.00 3.01  ? 20 PHL A CA  1 
HETATM 131 C C   . PHL A 1 21 ? -8.862  15.694  -5.236  1.00 7.11  ? 20 PHL A C   1 
HETATM 132 O O   . PHL A 1 21 ? -9.358  15.909  -4.037  1.00 8.42  ? 20 PHL A O   1 
HETATM 133 C CB  . PHL A 1 21 ? -6.682  15.497  -6.640  1.00 6.71  ? 20 PHL A CB  1 
HETATM 134 C CG  . PHL A 1 21 ? -5.204  15.748  -6.638  1.00 2.00  ? 20 PHL A CG  1 
HETATM 135 C CD1 . PHL A 1 21 ? -4.775  17.069  -6.995  1.00 6.02  ? 20 PHL A CD1 1 
HETATM 136 C CD2 . PHL A 1 21 ? -4.211  14.766  -6.292  1.00 2.22  ? 20 PHL A CD2 1 
HETATM 137 C CE1 . PHL A 1 21 ? -3.396  17.358  -7.036  1.00 10.23 ? 20 PHL A CE1 1 
HETATM 138 C CE2 . PHL A 1 21 ? -2.919  15.139  -6.262  1.00 9.01  ? 20 PHL A CE2 1 
HETATM 139 C CZ  . PHL A 1 21 ? -2.404  16.420  -6.680  1.00 7.35  ? 20 PHL A CZ  1 
HETATM 140 C C   . ACE B 1 1  ? 3.208   -12.107 2.022   1.00 4.71  ? 0  ACE B C   1 
HETATM 141 O O   . ACE B 1 1  ? 2.391   -11.289 2.444   1.00 4.84  ? 0  ACE B O   1 
HETATM 142 C CH3 . ACE B 1 1  ? 2.739   -12.501 0.549   1.00 4.72  ? 0  ACE B CH3 1 
HETATM 143 N N   . AIB B 1 2  ? 3.958   -12.847 2.701   1.00 3.53  ? 1  AIB B N   1 
HETATM 144 C CA  . AIB B 1 2  ? 4.073   -12.687 4.177   1.00 4.86  ? 1  AIB B CA  1 
HETATM 145 C C   . AIB B 1 2  ? 4.423   -11.230 4.384   1.00 4.97  ? 1  AIB B C   1 
HETATM 146 O O   . AIB B 1 2  ? 3.791   -10.593 5.300   1.00 6.43  ? 1  AIB B O   1 
HETATM 147 C CB1 . AIB B 1 2  ? 5.260   -13.489 4.758   1.00 4.91  ? 1  AIB B CB1 1 
HETATM 148 C CB2 . AIB B 1 2  ? 2.840   -13.148 4.996   1.00 4.95  ? 1  AIB B CB2 1 
ATOM   149 N N   . PRO B 1 3  ? 5.381   -10.603 3.728   1.00 4.39  ? 2  PRO B N   1 
ATOM   150 C CA  . PRO B 1 3  ? 5.777   -9.191  4.078   1.00 4.10  ? 2  PRO B CA  1 
ATOM   151 C C   . PRO B 1 3  ? 4.616   -8.258  3.732   1.00 6.21  ? 2  PRO B C   1 
ATOM   152 O O   . PRO B 1 3  ? 4.449   -7.257  4.562   1.00 7.88  ? 2  PRO B O   1 
ATOM   153 C CB  . PRO B 1 3  ? 6.928   -8.919  3.071   1.00 8.28  ? 2  PRO B CB  1 
ATOM   154 C CG  . PRO B 1 3  ? 7.553   -10.246 2.898   1.00 10.05 ? 2  PRO B CG  1 
ATOM   155 C CD  . PRO B 1 3  ? 6.380   -11.249 2.762   1.00 5.94  ? 2  PRO B CD  1 
HETATM 156 N N   . AIB B 1 4  ? 3.849   -8.372  2.772   1.00 5.37  ? 3  AIB B N   1 
HETATM 157 C CA  . AIB B 1 4  ? 2.749   -7.469  2.417   1.00 4.73  ? 3  AIB B CA  1 
HETATM 158 C C   . AIB B 1 4  ? 1.809   -7.484  3.659   1.00 8.27  ? 3  AIB B C   1 
HETATM 159 O O   . AIB B 1 4  ? 1.405   -6.342  4.062   1.00 8.55  ? 3  AIB B O   1 
HETATM 160 C CB1 . AIB B 1 4  ? 2.196   -8.050  1.154   1.00 6.96  ? 3  AIB B CB1 1 
HETATM 161 C CB2 . AIB B 1 4  ? 3.230   -5.973  2.184   1.00 5.94  ? 3  AIB B CB2 1 
ATOM   162 N N   . ALA B 1 5  ? 1.495   -8.650  4.095   1.00 4.00  ? 4  ALA B N   1 
ATOM   163 C CA  . ALA B 1 5  ? 0.509   -8.750  5.244   1.00 4.13  ? 4  ALA B CA  1 
ATOM   164 C C   . ALA B 1 5  ? 1.144   -8.048  6.455   1.00 5.17  ? 4  ALA B C   1 
ATOM   165 O O   . ALA B 1 5  ? 0.429   -7.318  7.174   1.00 5.93  ? 4  ALA B O   1 
ATOM   166 C CB  . ALA B 1 5  ? 0.069   -10.113 5.632   1.00 6.03  ? 4  ALA B CB  1 
HETATM 167 N N   . AIB B 1 6  ? 2.364   -8.258  6.803   1.00 5.20  ? 5  AIB B N   1 
HETATM 168 C CA  . AIB B 1 6  ? 3.079   -7.640  8.000   1.00 5.24  ? 5  AIB B CA  1 
HETATM 169 C C   . AIB B 1 6  ? 2.962   -6.118  7.954   1.00 7.81  ? 5  AIB B C   1 
HETATM 170 O O   . AIB B 1 6  ? 2.412   -5.545  8.865   1.00 7.76  ? 5  AIB B O   1 
HETATM 171 C CB1 . AIB B 1 6  ? 4.576   -8.104  7.942   1.00 6.02  ? 5  AIB B CB1 1 
HETATM 172 C CB2 . AIB B 1 6  ? 2.480   -8.321  9.197   1.00 11.06 ? 5  AIB B CB2 1 
ATOM   173 N N   . ALA B 1 7  ? 3.232   -5.529  6.783   1.00 5.74  ? 6  ALA B N   1 
ATOM   174 C CA  . ALA B 1 7  ? 3.159   -4.117  6.556   1.00 7.14  ? 6  ALA B CA  1 
ATOM   175 C C   . ALA B 1 7  ? 1.751   -3.693  6.672   1.00 7.49  ? 6  ALA B C   1 
ATOM   176 O O   . ALA B 1 7  ? 1.584   -2.539  7.337   1.00 7.05  ? 6  ALA B O   1 
ATOM   177 C CB  . ALA B 1 7  ? 3.651   -3.755  5.199   1.00 8.67  ? 6  ALA B CB  1 
ATOM   178 N N   . GLN B 1 8  ? 0.754   -4.236  6.332   1.00 6.08  ? 7  GLN B N   1 
ATOM   179 C CA  . GLN B 1 8  ? -0.673  -3.789  6.297   1.00 5.22  ? 7  GLN B CA  1 
ATOM   180 C C   . GLN B 1 8  ? -1.039  -3.616  7.850   1.00 3.73  ? 7  GLN B C   1 
ATOM   181 O O   . GLN B 1 8  ? -1.755  -2.630  8.196   1.00 6.04  ? 7  GLN B O   1 
ATOM   182 C CB  . GLN B 1 8  ? -1.616  -4.565  5.526   1.00 7.04  ? 7  GLN B CB  1 
ATOM   183 C CG  . GLN B 1 8  ? -1.198  -4.241  4.037   1.00 5.05  ? 7  GLN B CG  1 
ATOM   184 C CD  . GLN B 1 8  ? -2.113  -4.764  3.128   1.00 12.29 ? 7  GLN B CD  1 
ATOM   185 O OE1 . GLN B 1 8  ? -3.215  -5.394  3.270   1.00 13.23 ? 7  GLN B OE1 1 
ATOM   186 N NE2 . GLN B 1 8  ? -1.932  -4.257  1.871   1.00 20.19 ? 7  GLN B NE2 1 
HETATM 187 N N   . AIB B 1 9  ? -0.668  -4.667  8.585   1.00 4.06  ? 8  AIB B N   1 
HETATM 188 C CA  . AIB B 1 9  ? -0.898  -4.688  10.023  1.00 4.92  ? 8  AIB B CA  1 
HETATM 189 C C   . AIB B 1 9  ? -0.275  -3.441  10.605  1.00 5.36  ? 8  AIB B C   1 
HETATM 190 O O   . AIB B 1 9  ? -1.011  -2.651  11.446  1.00 6.18  ? 8  AIB B O   1 
HETATM 191 C CB1 . AIB B 1 9  ? -0.378  -5.910  10.692  1.00 5.79  ? 8  AIB B CB1 1 
HETATM 192 C CB2 . AIB B 1 9  ? -2.424  -4.720  10.304  1.00 4.60  ? 8  AIB B CB2 1 
ATOM   193 N N   . VAL B 1 10 ? 0.903   -3.057  10.352  1.00 4.89  ? 9  VAL B N   1 
ATOM   194 C CA  . VAL B 1 10 ? 1.600   -1.884  10.902  1.00 5.46  ? 9  VAL B CA  1 
ATOM   195 C C   . VAL B 1 10 ? 0.815   -0.675  10.436  1.00 6.21  ? 9  VAL B C   1 
ATOM   196 O O   . VAL B 1 10 ? 0.639   0.354   11.236  1.00 6.13  ? 9  VAL B O   1 
ATOM   197 C CB  . VAL B 1 10 ? 3.009   -1.906  10.548  1.00 9.90  ? 9  VAL B CB  1 
ATOM   198 C CG1 . VAL B 1 10 ? 3.770   -0.677  11.049  1.00 15.00 ? 9  VAL B CG1 1 
ATOM   199 C CG2 . VAL B 1 10 ? 3.751   -3.115  11.120  1.00 15.00 ? 9  VAL B CG2 1 
HETATM 200 N N   . AIB B 1 11 ? 0.432   -0.468  9.181   1.00 6.44  ? 10 AIB B N   1 
HETATM 201 C CA  . AIB B 1 11 ? -0.297  0.653   8.696   1.00 5.16  ? 10 AIB B CA  1 
HETATM 202 C C   . AIB B 1 11 ? -1.500  0.815   9.585   1.00 5.33  ? 10 AIB B C   1 
HETATM 203 O O   . AIB B 1 11 ? -1.821  2.003   9.792   1.00 8.83  ? 10 AIB B O   1 
HETATM 204 C CB1 . AIB B 1 11 ? -0.725  0.348   7.239   1.00 6.85  ? 10 AIB B CB1 1 
HETATM 205 C CB2 . AIB B 1 11 ? 0.573   1.923   8.612   1.00 6.73  ? 10 AIB B CB2 1 
ATOM   206 N N   . GLY B 1 12 ? -2.088  -0.182  9.934   1.00 3.50  ? 11 GLY B N   1 
ATOM   207 C CA  . GLY B 1 12 ? -3.413  -0.050  10.718  1.00 3.55  ? 11 GLY B CA  1 
ATOM   208 C C   . GLY B 1 12 ? -3.040  0.166   12.128  1.00 4.93  ? 11 GLY B C   1 
ATOM   209 O O   . GLY B 1 12 ? -3.882  0.926   12.884  1.00 7.29  ? 11 GLY B O   1 
ATOM   210 N N   . LEU B 1 13 ? -2.003  -0.225  12.819  1.00 3.92  ? 12 LEU B N   1 
ATOM   211 C CA  . LEU B 1 13 ? -1.614  -0.041  14.176  1.00 5.71  ? 12 LEU B CA  1 
ATOM   212 C C   . LEU B 1 13 ? -1.116  1.352   14.380  1.00 3.45  ? 12 LEU B C   1 
ATOM   213 O O   . LEU B 1 13 ? -1.360  1.923   15.476  1.00 3.68  ? 12 LEU B O   1 
ATOM   214 C CB  . LEU B 1 13 ? -0.584  -1.058  14.610  1.00 4.82  ? 12 LEU B CB  1 
ATOM   215 C CG  . LEU B 1 13 ? -1.097  -2.447  14.840  1.00 8.43  ? 12 LEU B CG  1 
ATOM   216 C CD1 . LEU B 1 13 ? 0.051   -3.498  14.891  1.00 9.27  ? 12 LEU B CD1 1 
ATOM   217 C CD2 . LEU B 1 13 ? -1.837  -2.543  16.156  1.00 11.12 ? 12 LEU B CD2 1 
HETATM 218 N N   . AIB B 1 14 ? -0.283  1.875   13.559  1.00 3.51  ? 13 AIB B N   1 
HETATM 219 C CA  . AIB B 1 14 ? 0.353   3.228   13.770  1.00 4.90  ? 13 AIB B CA  1 
HETATM 220 C C   . AIB B 1 14 ? -0.636  4.345   14.131  1.00 6.56  ? 13 AIB B C   1 
HETATM 221 O O   . AIB B 1 14 ? -0.177  4.940   15.206  1.00 7.69  ? 13 AIB B O   1 
HETATM 222 C CB1 . AIB B 1 14 ? 1.110   3.620   12.396  1.00 4.36  ? 13 AIB B CB1 1 
HETATM 223 C CB2 . AIB B 1 14 ? 1.431   3.055   14.845  1.00 6.78  ? 13 AIB B CB2 1 
ATOM   224 N N   . PRO B 1 15 ? -1.679  4.502   13.517  1.00 6.55  ? 14 PRO B N   1 
ATOM   225 C CA  . PRO B 1 15 ? -2.657  5.645   13.834  1.00 6.32  ? 14 PRO B CA  1 
ATOM   226 C C   . PRO B 1 15 ? -3.255  5.348   15.153  1.00 7.80  ? 14 PRO B C   1 
ATOM   227 O O   . PRO B 1 15 ? -3.810  6.306   15.821  1.00 13.46 ? 14 PRO B O   1 
ATOM   228 C CB  . PRO B 1 15 ? -3.337  5.781   12.509  1.00 7.63  ? 14 PRO B CB  1 
ATOM   229 C CG  . PRO B 1 15 ? -3.512  4.358   12.059  1.00 7.05  ? 14 PRO B CG  1 
ATOM   230 C CD  . PRO B 1 15 ? -2.130  3.838   12.302  1.00 7.76  ? 14 PRO B CD  1 
ATOM   231 N N   . VAL B 1 16 ? -3.414  4.124   15.601  1.00 8.64  ? 15 VAL B N   1 
ATOM   232 C CA  . VAL B 1 16 ? -3.997  3.849   16.926  1.00 6.89  ? 15 VAL B CA  1 
ATOM   233 C C   . VAL B 1 16 ? -3.110  4.407   17.907  1.00 7.66  ? 15 VAL B C   1 
ATOM   234 O O   . VAL B 1 16 ? -3.589  5.196   18.909  1.00 9.93  ? 15 VAL B O   1 
ATOM   235 C CB  . VAL B 1 16 ? -4.202  2.311   17.122  1.00 10.87 ? 15 VAL B CB  1 
ATOM   236 C CG1 . VAL B 1 16 ? -4.638  2.005   18.590  1.00 11.69 ? 15 VAL B CG1 1 
ATOM   237 C CG2 . VAL B 1 16 ? -5.249  1.976   16.054  1.00 15.57 ? 15 VAL B CG2 1 
HETATM 238 N N   . AIB B 1 17 ? -1.876  4.391   17.960  1.00 4.93  ? 16 AIB B N   1 
HETATM 239 C CA  . AIB B 1 17 ? -0.798  4.874   18.787  1.00 4.97  ? 16 AIB B CA  1 
HETATM 240 C C   . AIB B 1 17 ? -1.020  6.413   18.872  1.00 5.15  ? 16 AIB B C   1 
HETATM 241 O O   . AIB B 1 17 ? -0.866  7.026   20.088  1.00 6.38  ? 16 AIB B O   1 
HETATM 242 C CB1 . AIB B 1 17 ? 0.726   4.592   18.559  1.00 8.56  ? 16 AIB B CB1 1 
HETATM 243 C CB2 . AIB B 1 17 ? -0.954  4.270   20.230  1.00 7.66  ? 16 AIB B CB2 1 
HETATM 244 N N   . AIB B 1 18 ? -1.185  7.053   17.766  1.00 7.67  ? 17 AIB B N   1 
HETATM 245 C CA  . AIB B 1 18 ? -1.325  8.590   17.756  1.00 7.27  ? 17 AIB B CA  1 
HETATM 246 C C   . AIB B 1 18 ? -2.509  9.012   18.655  1.00 4.53  ? 17 AIB B C   1 
HETATM 247 O O   . AIB B 1 18 ? -2.463  10.184  19.221  1.00 8.03  ? 17 AIB B O   1 
HETATM 248 C CB1 . AIB B 1 18 ? -1.661  8.888   16.345  1.00 8.17  ? 17 AIB B CB1 1 
HETATM 249 C CB2 . AIB B 1 18 ? -0.057  9.238   18.155  1.00 10.83 ? 17 AIB B CB2 1 
ATOM   250 N N   . GLU B 1 19 ? -3.518  8.210   18.883  1.00 3.33  ? 18 GLU B N   1 
ATOM   251 C CA  . GLU B 1 19 ? -4.748  8.616   19.690  1.00 4.88  ? 18 GLU B CA  1 
ATOM   252 C C   . GLU B 1 19 ? -4.320  8.582   21.134  1.00 4.26  ? 18 GLU B C   1 
ATOM   253 O O   . GLU B 1 19 ? -5.149  9.197   22.074  1.00 7.88  ? 18 GLU B O   1 
ATOM   254 C CB  . GLU B 1 19 ? -5.968  7.723   19.459  1.00 3.07  ? 18 GLU B CB  1 
ATOM   255 C CG  . GLU B 1 19 ? -6.402  7.732   18.023  1.00 5.20  ? 18 GLU B CG  1 
ATOM   256 C CD  . GLU B 1 19 ? -6.973  9.059   17.768  1.00 13.25 ? 18 GLU B CD  1 
ATOM   257 O OE1 . GLU B 1 19 ? -7.999  9.475   18.412  1.00 13.57 ? 18 GLU B OE1 1 
ATOM   258 O OE2 . GLU B 1 19 ? -6.507  9.893   16.986  1.00 10.82 ? 18 GLU B OE2 1 
ATOM   259 N N   . GLN B 1 20 ? -3.364  7.896   21.626  1.00 2.97  ? 19 GLN B N   1 
ATOM   260 C CA  . GLN B 1 20 ? -2.900  7.909   23.064  1.00 3.67  ? 19 GLN B CA  1 
ATOM   261 C C   . GLN B 1 20 ? -2.117  9.195   23.355  1.00 2.00  ? 19 GLN B C   1 
ATOM   262 O O   . GLN B 1 20 ? -2.184  9.641   24.406  1.00 7.55  ? 19 GLN B O   1 
ATOM   263 C CB  . GLN B 1 20 ? -2.072  6.613   23.327  1.00 3.53  ? 19 GLN B CB  1 
ATOM   264 C CG  . GLN B 1 20 ? -1.601  6.600   24.858  1.00 5.01  ? 19 GLN B CG  1 
ATOM   265 C CD  . GLN B 1 20 ? -2.737  6.332   25.809  1.00 5.74  ? 19 GLN B CD  1 
ATOM   266 O OE1 . GLN B 1 20 ? -2.951  4.997   25.949  1.00 7.37  ? 19 GLN B OE1 1 
ATOM   267 N NE2 . GLN B 1 20 ? -3.284  7.137   26.340  1.00 3.18  ? 19 GLN B NE2 1 
HETATM 268 N N   . PHL B 1 21 ? -1.127  9.523   22.474  1.00 4.56  ? 20 PHL B N   1 
HETATM 269 C CA  . PHL B 1 21 ? -0.186  10.625  22.563  1.00 8.73  ? 20 PHL B CA  1 
HETATM 270 C C   . PHL B 1 21 ? -0.434  11.473  21.131  1.00 8.79  ? 20 PHL B C   1 
HETATM 271 O O   . PHL B 1 21 ? -1.596  12.025  21.365  1.00 17.27 ? 20 PHL B O   1 
HETATM 272 C CB  . PHL B 1 21 ? 1.146   9.984   22.346  1.00 7.91  ? 20 PHL B CB  1 
HETATM 273 C CG  . PHL B 1 21 ? 1.541   9.012   23.460  1.00 3.67  ? 20 PHL B CG  1 
HETATM 274 C CD1 . PHL B 1 21 ? 1.393   7.665   22.962  1.00 6.66  ? 20 PHL B CD1 1 
HETATM 275 C CD2 . PHL B 1 21 ? 1.921   9.236   24.765  1.00 10.54 ? 20 PHL B CD2 1 
HETATM 276 C CE1 . PHL B 1 21 ? 1.684   6.623   23.757  1.00 14.18 ? 20 PHL B CE1 1 
HETATM 277 C CE2 . PHL B 1 21 ? 2.062   8.079   25.602  1.00 8.80  ? 20 PHL B CE2 1 
HETATM 278 C CZ  . PHL B 1 21 ? 2.001   6.853   25.045  1.00 9.42  ? 20 PHL B CZ  1 
HETATM 279 C C   . ACE C 1 1  ? 6.685   -14.508 -10.749 1.00 4.29  ? 0  ACE C C   1 
HETATM 280 O O   . ACE C 1 1  ? 6.030   -13.781 -9.926  1.00 5.33  ? 0  ACE C O   1 
HETATM 281 C CH3 . ACE C 1 1  ? 5.979   -15.658 -11.467 1.00 7.21  ? 0  ACE C CH3 1 
HETATM 282 N N   . AIB C 1 2  ? 7.894   -14.268 -10.951 1.00 2.90  ? 1  AIB C N   1 
HETATM 283 C CA  . AIB C 1 2  ? 8.698   -13.244 -10.277 1.00 2.62  ? 1  AIB C CA  1 
HETATM 284 C C   . AIB C 1 2  ? 7.976   -11.885 -10.376 1.00 6.28  ? 1  AIB C C   1 
HETATM 285 O O   . AIB C 1 2  ? 7.869   -11.223 -9.383  1.00 4.08  ? 1  AIB C O   1 
HETATM 286 C CB1 . AIB C 1 2  ? 10.105  -13.036 -10.842 1.00 5.74  ? 1  AIB C CB1 1 
HETATM 287 C CB2 . AIB C 1 2  ? 8.935   -13.702 -8.764  1.00 5.38  ? 1  AIB C CB2 1 
ATOM   288 N N   . PRO C 1 3  ? 7.393   -11.535 -11.487 1.00 3.48  ? 2  PRO C N   1 
ATOM   289 C CA  . PRO C 1 3  ? 6.815   -10.140 -11.577 1.00 2.62  ? 2  PRO C CA  1 
ATOM   290 C C   . PRO C 1 3  ? 5.536   -10.141 -10.750 1.00 4.66  ? 2  PRO C C   1 
ATOM   291 O O   . PRO C 1 3  ? 5.308   -8.878  -10.305 1.00 3.73  ? 2  PRO C O   1 
ATOM   292 C CB  . PRO C 1 3  ? 6.482   -9.915  -13.110 1.00 5.21  ? 2  PRO C CB  1 
ATOM   293 C CG  . PRO C 1 3  ? 7.363   -11.054 -13.791 1.00 5.46  ? 2  PRO C CG  1 
ATOM   294 C CD  . PRO C 1 3  ? 7.505   -12.133 -12.822 1.00 6.79  ? 2  PRO C CD  1 
HETATM 295 N N   . AIB C 1 4  ? 4.785   -11.052 -10.545 1.00 5.20  ? 3  AIB C N   1 
HETATM 296 C CA  . AIB C 1 4  ? 3.552   -11.139 -9.727  1.00 4.17  ? 3  AIB C CA  1 
HETATM 297 C C   . AIB C 1 4  ? 4.053   -10.654 -8.289  1.00 6.30  ? 3  AIB C C   1 
HETATM 298 O O   . AIB C 1 4  ? 3.293   -9.810  -7.725  1.00 6.13  ? 3  AIB C O   1 
HETATM 299 C CB1 . AIB C 1 4  ? 2.991   -12.481 -9.739  1.00 6.10  ? 3  AIB C CB1 1 
HETATM 300 C CB2 . AIB C 1 4  ? 2.526   -10.209 -10.279 1.00 6.77  ? 3  AIB C CB2 1 
ATOM   301 N N   . ALA C 1 5  ? 5.067   -11.191 -7.819  1.00 3.62  ? 4  ALA C N   1 
ATOM   302 C CA  . ALA C 1 5  ? 5.667   -10.869 -6.495  1.00 2.00  ? 4  ALA C CA  1 
ATOM   303 C C   . ALA C 1 5  ? 6.106   -9.412  -6.424  1.00 2.76  ? 4  ALA C C   1 
ATOM   304 O O   . ALA C 1 5  ? 5.816   -8.687  -5.433  1.00 3.11  ? 4  ALA C O   1 
ATOM   305 C CB  . ALA C 1 5  ? 6.867   -11.729 -6.099  1.00 4.56  ? 4  ALA C CB  1 
HETATM 306 N N   . AIB C 1 6  ? 6.690   -8.804  -7.418  1.00 2.81  ? 5  AIB C N   1 
HETATM 307 C CA  . AIB C 1 6  ? 7.208   -7.447  -7.491  1.00 2.70  ? 5  AIB C CA  1 
HETATM 308 C C   . AIB C 1 6  ? 5.900   -6.578  -7.538  1.00 2.58  ? 5  AIB C C   1 
HETATM 309 O O   . AIB C 1 6  ? 5.967   -5.592  -6.636  1.00 2.68  ? 5  AIB C O   1 
HETATM 310 C CB1 . AIB C 1 6  ? 7.924   -7.336  -8.919  1.00 3.70  ? 5  AIB C CB1 1 
HETATM 311 C CB2 . AIB C 1 6  ? 8.130   -7.071  -6.403  1.00 4.48  ? 5  AIB C CB2 1 
ATOM   312 N N   . ALA C 1 7  ? 4.965   -6.854  -8.227  1.00 3.21  ? 6  ALA C N   1 
ATOM   313 C CA  . ALA C 1 7  ? 3.746   -6.001  -8.226  1.00 2.00  ? 6  ALA C CA  1 
ATOM   314 C C   . ALA C 1 7  ? 3.042   -6.064  -6.810  1.00 4.52  ? 6  ALA C C   1 
ATOM   315 O O   . ALA C 1 7  ? 2.539   -5.027  -6.358  1.00 4.19  ? 6  ALA C O   1 
ATOM   316 C CB  . ALA C 1 7  ? 2.782   -6.402  -9.335  1.00 8.32  ? 6  ALA C CB  1 
ATOM   317 N N   . GLN C 1 8  ? 3.069   -7.181  -6.143  1.00 2.40  ? 7  GLN C N   1 
ATOM   318 C CA  . GLN C 1 8  ? 2.345   -7.367  -4.875  1.00 3.77  ? 7  GLN C CA  1 
ATOM   319 C C   . GLN C 1 8  ? 3.028   -6.493  -3.911  1.00 4.71  ? 7  GLN C C   1 
ATOM   320 O O   . GLN C 1 8  ? 2.297   -5.918  -2.993  1.00 3.57  ? 7  GLN C O   1 
ATOM   321 C CB  . GLN C 1 8  ? 2.403   -8.874  -4.583  1.00 6.83  ? 7  GLN C CB  1 
ATOM   322 C CG  . GLN C 1 8  ? 1.708   -9.204  -3.329  1.00 7.10  ? 7  GLN C CG  1 
ATOM   323 C CD  . GLN C 1 8  ? 1.420   -10.642 -2.961  1.00 6.47  ? 7  GLN C CD  1 
ATOM   324 O OE1 . GLN C 1 8  ? 2.451   -11.264 -2.802  1.00 9.68  ? 7  GLN C OE1 1 
ATOM   325 N NE2 . GLN C 1 8  ? 0.227   -11.007 -3.125  1.00 11.63 ? 7  GLN C NE2 1 
HETATM 326 N N   . AIB C 1 9  ? 4.358   -6.452  -3.883  1.00 3.20  ? 8  AIB C N   1 
HETATM 327 C CA  . AIB C 1 9  ? 5.162   -5.556  -2.880  1.00 2.00  ? 8  AIB C CA  1 
HETATM 328 C C   . AIB C 1 9  ? 4.685   -4.090  -3.100  1.00 3.59  ? 8  AIB C C   1 
HETATM 329 O O   . AIB C 1 9  ? 4.435   -3.491  -2.054  1.00 4.56  ? 8  AIB C O   1 
HETATM 330 C CB1 . AIB C 1 9  ? 6.638   -5.755  -3.123  1.00 5.36  ? 8  AIB C CB1 1 
HETATM 331 C CB2 . AIB C 1 9  ? 4.817   -6.077  -1.446  1.00 4.30  ? 8  AIB C CB2 1 
ATOM   332 N N   . VAL C 1 10 ? 4.523   -3.670  -4.258  1.00 2.44  ? 9  VAL C N   1 
ATOM   333 C CA  . VAL C 1 10 ? 4.110   -2.236  -4.480  1.00 3.38  ? 9  VAL C CA  1 
ATOM   334 C C   . VAL C 1 10 ? 2.719   -2.087  -4.000  1.00 5.27  ? 9  VAL C C   1 
ATOM   335 O O   . VAL C 1 10 ? 2.468   -1.163  -3.150  1.00 7.57  ? 9  VAL C O   1 
ATOM   336 C CB  . VAL C 1 10 ? 4.338   -1.941  -5.894  1.00 5.76  ? 9  VAL C CB  1 
ATOM   337 C CG1 . VAL C 1 10 ? 3.826   -0.492  -6.299  1.00 5.54  ? 9  VAL C CG1 1 
ATOM   338 C CG2 . VAL C 1 10 ? 5.689   -2.063  -6.395  1.00 4.95  ? 9  VAL C CG2 1 
HETATM 339 N N   . AIB C 1 11 ? 1.788   -2.750  -4.526  1.00 4.02  ? 10 AIB C N   1 
HETATM 340 C CA  . AIB C 1 11 ? 0.401   -2.757  -4.158  1.00 2.46  ? 10 AIB C CA  1 
HETATM 341 C C   . AIB C 1 11 ? 0.170   -2.773  -2.613  1.00 3.84  ? 10 AIB C C   1 
HETATM 342 O O   . AIB C 1 11 ? -0.595  -2.149  -2.050  1.00 7.89  ? 10 AIB C O   1 
HETATM 343 C CB1 . AIB C 1 11 ? -0.461  -3.927  -4.725  1.00 7.58  ? 10 AIB C CB1 1 
HETATM 344 C CB2 . AIB C 1 11 ? -0.311  -1.478  -4.651  1.00 6.27  ? 10 AIB C CB2 1 
ATOM   345 N N   . GLY C 1 12 ? 0.876   -3.799  -2.053  1.00 4.57  ? 11 GLY C N   1 
ATOM   346 C CA  . GLY C 1 12 ? 0.694   -4.114  -0.653  1.00 4.40  ? 11 GLY C CA  1 
ATOM   347 C C   . GLY C 1 12 ? 1.168   -2.868  0.180   1.00 7.43  ? 11 GLY C C   1 
ATOM   348 O O   . GLY C 1 12 ? 0.702   -3.072  1.380   1.00 6.14  ? 11 GLY C O   1 
ATOM   349 N N   . LEU C 1 13 ? 2.046   -2.156  -0.221  1.00 6.06  ? 12 LEU C N   1 
ATOM   350 C CA  . LEU C 1 13 ? 2.492   -0.988  0.726   1.00 5.54  ? 12 LEU C CA  1 
ATOM   351 C C   . LEU C 1 13 ? 1.578   0.303   0.429   1.00 6.00  ? 12 LEU C C   1 
ATOM   352 O O   . LEU C 1 13 ? 1.862   1.274   1.171   1.00 5.88  ? 12 LEU C O   1 
ATOM   353 C CB  . LEU C 1 13 ? 3.904   -0.757  0.492   1.00 5.79  ? 12 LEU C CB  1 
ATOM   354 C CG  . LEU C 1 13 ? 5.019   -1.254  1.212   1.00 14.89 ? 12 LEU C CG  1 
ATOM   355 C CD1 . LEU C 1 13 ? 4.654   -2.154  2.338   1.00 10.85 ? 12 LEU C CD1 1 
ATOM   356 C CD2 . LEU C 1 13 ? 6.330   -1.426  0.520   1.00 14.19 ? 12 LEU C CD2 1 
HETATM 357 N N   . AIB C 1 14 ? 0.651   0.310   -0.501  1.00 4.59  ? 13 AIB C N   1 
HETATM 358 C CA  . AIB C 1 14 ? -0.187  1.450   -0.856  1.00 2.95  ? 13 AIB C CA  1 
HETATM 359 C C   . AIB C 1 14 ? -0.948  1.840   0.498   1.00 4.47  ? 13 AIB C C   1 
HETATM 360 O O   . AIB C 1 14 ? -0.962  3.061   0.686   1.00 5.50  ? 13 AIB C O   1 
HETATM 361 C CB1 . AIB C 1 14 ? -1.224  1.015   -1.913  1.00 7.44  ? 13 AIB C CB1 1 
HETATM 362 C CB2 . AIB C 1 14 ? 0.736   2.559   -1.405  1.00 6.91  ? 13 AIB C CB2 1 
ATOM   363 N N   . PRO C 1 15 ? -1.316  0.928   1.282   1.00 5.96  ? 14 PRO C N   1 
ATOM   364 C CA  . PRO C 1 15 ? -2.063  1.431   2.529   1.00 5.80  ? 14 PRO C CA  1 
ATOM   365 C C   . PRO C 1 15 ? -1.132  2.154   3.387   1.00 5.41  ? 14 PRO C C   1 
ATOM   366 O O   . PRO C 1 15 ? -1.658  3.073   4.219   1.00 5.23  ? 14 PRO C O   1 
ATOM   367 C CB  . PRO C 1 15 ? -2.584  0.146   3.256   1.00 7.92  ? 14 PRO C CB  1 
ATOM   368 C CG  . PRO C 1 15 ? -2.597  -0.873  2.136   1.00 10.01 ? 14 PRO C CG  1 
ATOM   369 C CD  . PRO C 1 15 ? -1.464  -0.504  1.187   1.00 7.81  ? 14 PRO C CD  1 
ATOM   370 N N   . VAL C 1 16 ? 0.127   2.038   3.484   1.00 2.00  ? 15 VAL C N   1 
ATOM   371 C CA  . VAL C 1 16 ? 1.118   2.906   4.290   1.00 3.47  ? 15 VAL C CA  1 
ATOM   372 C C   . VAL C 1 16 ? 0.973   4.298   3.802   1.00 6.61  ? 15 VAL C C   1 
ATOM   373 O O   . VAL C 1 16 ? 0.932   5.281   4.577   1.00 5.09  ? 15 VAL C O   1 
ATOM   374 C CB  . VAL C 1 16 ? 2.573   2.373   4.208   1.00 5.15  ? 15 VAL C CB  1 
ATOM   375 C CG1 . VAL C 1 16 ? 3.398   3.372   4.947   1.00 6.25  ? 15 VAL C CG1 1 
ATOM   376 C CG2 . VAL C 1 16 ? 2.637   0.940   4.676   1.00 7.20  ? 15 VAL C CG2 1 
HETATM 377 N N   . AIB C 1 17 ? 1.071   4.610   2.458   1.00 5.92  ? 16 AIB C N   1 
HETATM 378 C CA  . AIB C 1 17 ? 0.903   5.949   1.854   1.00 4.10  ? 16 AIB C CA  1 
HETATM 379 C C   . AIB C 1 17 ? -0.410  6.465   2.283   1.00 2.29  ? 16 AIB C C   1 
HETATM 380 O O   . AIB C 1 17 ? -0.533  7.684   2.781   1.00 5.49  ? 16 AIB C O   1 
HETATM 381 C CB1 . AIB C 1 17 ? 0.779   5.700   0.277   1.00 6.35  ? 16 AIB C CB1 1 
HETATM 382 C CB2 . AIB C 1 17 ? 2.019   6.821   2.280   1.00 5.46  ? 16 AIB C CB2 1 
HETATM 383 N N   . AIB C 1 18 ? -1.503  5.796   2.133   1.00 4.43  ? 17 AIB C N   1 
HETATM 384 C CA  . AIB C 1 18 ? -2.902  6.249   2.384   1.00 3.49  ? 17 AIB C CA  1 
HETATM 385 C C   . AIB C 1 18 ? -2.956  6.546   3.863   1.00 4.36  ? 17 AIB C C   1 
HETATM 386 O O   . AIB C 1 18 ? -3.674  7.602   4.231   1.00 6.88  ? 17 AIB C O   1 
HETATM 387 C CB1 . AIB C 1 18 ? -3.768  5.013   2.165   1.00 9.79  ? 17 AIB C CB1 1 
HETATM 388 C CB2 . AIB C 1 18 ? -3.309  7.403   1.456   1.00 6.62  ? 17 AIB C CB2 1 
ATOM   389 N N   . GLU C 1 19 ? -2.364  6.011   4.826   1.00 3.49  ? 18 GLU C N   1 
ATOM   390 C CA  . GLU C 1 19 ? -2.486  6.221   6.242   1.00 5.47  ? 18 GLU C CA  1 
ATOM   391 C C   . GLU C 1 19 ? -1.681  7.503   6.475   1.00 4.34  ? 18 GLU C C   1 
ATOM   392 O O   . GLU C 1 19 ? -2.046  8.263   7.581   1.00 6.22  ? 18 GLU C O   1 
ATOM   393 C CB  . GLU C 1 19 ? -1.832  5.062   6.966   1.00 5.02  ? 18 GLU C CB  1 
ATOM   394 C CG  . GLU C 1 19 ? -1.891  5.076   8.457   1.00 10.35 ? 18 GLU C CG  1 
ATOM   395 C CD  . GLU C 1 19 ? -0.755  5.953   9.016   1.00 13.02 ? 18 GLU C CD  1 
ATOM   396 O OE1 . GLU C 1 19 ? 0.288   6.043   8.566   1.00 17.61 ? 18 GLU C OE1 1 
ATOM   397 O OE2 . GLU C 1 19 ? -0.928  6.609   10.071  1.00 13.75 ? 18 GLU C OE2 1 
ATOM   398 N N   . GLN C 1 20 ? -0.681  7.898   5.800   1.00 2.00  ? 19 GLN C N   1 
ATOM   399 C CA  . GLN C 1 20 ? 0.098   9.171   5.989   1.00 3.08  ? 19 GLN C CA  1 
ATOM   400 C C   . GLN C 1 20 ? -0.595  10.413  5.566   1.00 4.01  ? 19 GLN C C   1 
ATOM   401 O O   . GLN C 1 20 ? -0.562  11.428  6.202   1.00 7.36  ? 19 GLN C O   1 
ATOM   402 C CB  . GLN C 1 20 ? 1.490   9.029   5.349   1.00 5.24  ? 19 GLN C CB  1 
ATOM   403 C CG  . GLN C 1 20 ? 2.461   8.211   5.925   1.00 5.59  ? 19 GLN C CG  1 
ATOM   404 C CD  . GLN C 1 20 ? 2.893   8.577   7.266   1.00 3.61  ? 19 GLN C CD  1 
ATOM   405 O OE1 . GLN C 1 20 ? 2.613   7.911   8.250   1.00 8.49  ? 19 GLN C OE1 1 
ATOM   406 N NE2 . GLN C 1 20 ? 3.592   9.693   7.440   1.00 6.26  ? 19 GLN C NE2 1 
HETATM 407 N N   . PHL C 1 21 ? -1.324  10.403  4.465   1.00 3.52  ? 20 PHL C N   1 
HETATM 408 C CA  . PHL C 1 21 ? -2.001  11.539  3.797   1.00 2.36  ? 20 PHL C CA  1 
HETATM 409 C C   . PHL C 1 21 ? -3.264  11.034  3.128   1.00 5.10  ? 20 PHL C C   1 
HETATM 410 O O   . PHL C 1 21 ? -4.185  10.475  3.847   1.00 8.07  ? 20 PHL C O   1 
HETATM 411 C CB  . PHL C 1 21 ? -0.912  12.371  3.108   1.00 6.86  ? 20 PHL C CB  1 
HETATM 412 C CG  . PHL C 1 21 ? -0.124  11.494  2.030   1.00 5.23  ? 20 PHL C CG  1 
HETATM 413 C CD1 . PHL C 1 21 ? -0.771  11.228  0.859   1.00 6.40  ? 20 PHL C CD1 1 
HETATM 414 C CD2 . PHL C 1 21 ? 1.087   11.245  2.353   1.00 3.99  ? 20 PHL C CD2 1 
HETATM 415 C CE1 . PHL C 1 21 ? -0.054  10.335  -0.137  1.00 11.32 ? 20 PHL C CE1 1 
HETATM 416 C CE2 . PHL C 1 21 ? 1.816   10.409  1.376   1.00 9.32  ? 20 PHL C CE2 1 
HETATM 417 C CZ  . PHL C 1 21 ? 1.173   10.101  0.239   1.00 5.18  ? 20 PHL C CZ  1 
HETATM 418 N N   . CCN D 2 .  ? -8.412  7.478   0.992   1.00 28.07 ? 22 CCN A N   1 
HETATM 419 C C1  . CCN D 2 .  ? -7.379  7.883   1.545   1.00 25.38 ? 22 CCN A C1  1 
HETATM 420 C C2  . CCN D 2 .  ? -6.799  8.137   2.824   1.00 25.98 ? 22 CCN A C2  1 
HETATM 421 C C   . MOH E 3 .  ? -0.403  -8.041  -8.173  1.00 18.25 ? 23 MOH A C   1 
HETATM 422 O O   . MOH E 3 .  ? -0.941  -7.371  -7.036  1.00 25.85 ? 23 MOH A O   1 
HETATM 423 N N   . CCN F 2 .  ? 3.058   -12.199 8.817   1.00 17.04 ? 22 CCN B N   1 
HETATM 424 C C1  . CCN F 2 .  ? 1.853   -12.656 8.924   1.00 23.26 ? 22 CCN B C1  1 
HETATM 425 C C2  . CCN F 2 .  ? 0.728   -11.863 8.516   1.00 18.51 ? 22 CCN B C2  1 
HETATM 426 C C   . MOH G 3 .  ? 6.683   -5.367  10.718  1.00 25.51 ? 23 MOH B C   1 
HETATM 427 O O   . MOH G 3 .  ? 6.072   -6.077  11.827  1.00 22.44 ? 23 MOH B O   1 
HETATM 428 C C   . MOH H 3 .  ? -0.949  -10.275 0.501   1.00 22.78 ? 24 MOH B C   1 
HETATM 429 O O   . MOH H 3 .  ? -1.373  -9.538  1.725   1.00 19.72 ? 24 MOH B O   1 
HETATM 430 C C   . MOH I 3 .  ? -4.399  -0.626  6.745   1.00 29.49 ? 25 MOH B C   1 
HETATM 431 O O   . MOH I 3 .  ? -5.563  0.168   6.854   1.00 33.84 ? 25 MOH B O   1 
HETATM 432 C C   . MOH J 3 .  ? 3.868   4.182   10.336  1.00 29.86 ? 26 MOH B C   1 
HETATM 433 O O   . MOH J 3 .  ? 3.066   4.546   9.167   1.00 24.82 ? 26 MOH B O   1 
HETATM 434 C C   . MOH K 3 .  ? 7.027   -11.085 8.393   1.00 32.16 ? 27 MOH B C   1 
HETATM 435 O O   . MOH K 3 .  ? 7.792   -10.972 9.561   1.00 31.14 ? 27 MOH B O   1 
HETATM 436 C C   . MOH L 3 .  ? 6.970   -8.159  11.251  1.00 33.66 ? 28 MOH B C   1 
HETATM 437 O O   . MOH L 3 .  ? 8.096   -7.607  10.561  1.00 34.35 ? 28 MOH B O   1 
HETATM 438 C C   . MOH M 3 .  ? 0.917   -6.404  13.954  1.00 35.17 ? 29 MOH B C   1 
HETATM 439 O O   . MOH M 3 .  ? 2.161   -6.193  13.309  1.00 31.01 ? 29 MOH B O   1 
HETATM 440 C C   . MOH N 3 .  ? -5.832  -7.839  0.075   1.00 46.75 ? 30 MOH B C   1 
HETATM 441 O O   . MOH N 3 .  ? -5.064  -7.522  1.240   1.00 44.76 ? 30 MOH B O   1 
HETATM 442 C C   . MOH O 3 .  ? 5.158   -9.898  -0.772  1.00 8.91  ? 22 MOH C C   1 
HETATM 443 O O   . MOH O 3 .  ? 5.558   -10.479 -2.193  1.00 14.61 ? 22 MOH C O   1 
HETATM 444 C C   . MOH P 3 .  ? 10.063  -10.131 -3.535  1.00 33.76 ? 23 MOH C C   1 
HETATM 445 O O   . MOH P 3 .  ? 9.310   -9.215  -2.768  1.00 34.09 ? 23 MOH C O   1 
HETATM 446 C C   . MOH Q 3 .  ? 4.578   3.273   -1.141  1.00 23.92 ? 24 MOH C C   1 
HETATM 447 O O   . MOH Q 3 .  ? 4.693   4.695   -1.024  1.00 20.71 ? 24 MOH C O   1 
HETATM 448 C C   . MOH R 3 .  ? -1.721  -8.670  -4.805  1.00 31.90 ? 25 MOH C C   1 
HETATM 449 O O   . MOH R 3 .  ? -2.236  -9.486  -3.742  1.00 32.66 ? 25 MOH C O   1 
# 
